data_2XJ7
#
_entry.id   2XJ7
#
_cell.length_a   51.493
_cell.length_b   93.981
_cell.length_c   98.815
_cell.angle_alpha   104.13
_cell.angle_beta   93.88
_cell.angle_gamma   103.13
#
_symmetry.space_group_name_H-M   'P 1'
#
loop_
_entity.id
_entity.type
_entity.pdbx_description
1 polymer 'O-GLCNACASE BT_4395'
2 non-polymer 6-ACETAMIDO-6-DEOXY-CASTANOSPERMINE
3 non-polymer 'CALCIUM ION'
4 water water
#
_entity_poly.entity_id   1
_entity_poly.type   'polypeptide(L)'
_entity_poly.pdbx_seq_one_letter_code
;QNVSLQPPPQQLIVQNKTIDLPAVYQLNGGEEANPHAVKVLKELLSGKQSSKKGMLISIGEKGDKSVRKYSRQIPDHKEG
YYLSVNEKEIVLAGNDERGTYYALQTFAQLLKDGKLPEVEIKDYPSVRYRGVVEGFYGTPWSHQARLSQLKFYGKNKMNT
YIYGPKDDPYHSAPNWRLPYPDKEAAQLQELVAVANENEVDFVWAIHPGQDIKWNKEDRDLLLAKFEKMYQLGVRSFAVF
FDDISGEGTNPQKQAELLNYIDEKFAQVKPDINQLVMCPTEYNKSWSNPNGNYLTTLGDKLNPSIQIMWTGDRVISDITR
DGISWINERIKRPAYIWWNFPVSDYVRDHLLLGPVYGNDTTIAKEMSGFVTNPMEHAESSKIAIYSVASYAWNPAKYDTW
QTWKDAIRTILPSAAEELECFAMHNSDLGPNGHGYRREESMDIQPAAERFLKAFKEGKNYDKADFETLQYTFERMKESAD
ILLMNTENKPLIVEITPWVHQFKLTAEMGEEVLKMVEGRNESYFLRKYNHVKALQQQMFYIDQTSNQNPYQPGVKTATRV
IKPLIDRTFATVVKFFNQKFNAHLDATTDYMPHKMISNVEQIKNLPLQVKANRVLISPANEVVKWAAGNSVEIELDAIYP
GENIQINFGKDAPCTWGRLEISTDGKEWKTVDLKQKESRLSAGLQKAPVKFVRFTNVSDEEQQVYLRQFVLTIEKK
;
_entity_poly.pdbx_strand_id   A,B
#
# COMPACT_ATOMS: atom_id res chain seq x y z
N SER A 4 31.00 5.96 25.86
CA SER A 4 29.56 6.36 26.02
C SER A 4 28.77 5.29 26.82
N LEU A 5 28.24 5.68 27.97
CA LEU A 5 27.51 4.75 28.84
C LEU A 5 26.10 5.28 29.12
N GLN A 6 25.12 4.39 29.00
CA GLN A 6 23.70 4.71 29.27
C GLN A 6 23.10 3.61 30.19
N PRO A 7 22.66 4.01 31.39
CA PRO A 7 22.73 5.36 31.99
C PRO A 7 24.19 5.72 32.32
N PRO A 8 24.51 7.02 32.34
CA PRO A 8 25.88 7.43 32.72
C PRO A 8 26.15 7.13 34.21
N PRO A 9 27.29 6.49 34.52
CA PRO A 9 27.56 6.14 35.92
C PRO A 9 27.75 7.34 36.81
N GLN A 10 27.49 7.18 38.12
CA GLN A 10 27.69 8.23 39.10
C GLN A 10 29.16 8.70 39.09
N GLN A 11 30.10 7.76 38.98
CA GLN A 11 31.48 8.16 38.91
C GLN A 11 32.22 7.27 37.91
N LEU A 12 33.02 7.89 37.06
CA LEU A 12 33.77 7.20 36.03
C LEU A 12 35.17 7.81 35.93
N ILE A 13 36.19 6.95 36.05
CA ILE A 13 37.56 7.39 35.77
C ILE A 13 38.14 6.55 34.66
N VAL A 14 38.48 7.21 33.56
CA VAL A 14 39.00 6.52 32.39
C VAL A 14 40.50 6.82 32.23
N GLN A 15 41.28 5.78 31.97
CA GLN A 15 42.69 5.91 31.59
C GLN A 15 42.79 6.16 30.09
N ASN A 16 44.01 6.22 29.58
CA ASN A 16 44.16 6.24 28.14
C ASN A 16 44.84 4.98 27.65
N LYS A 17 44.49 3.85 28.26
CA LYS A 17 45.01 2.56 27.84
C LYS A 17 43.88 1.66 27.42
N THR A 18 44.18 0.69 26.55
CA THR A 18 43.18 -0.31 26.19
C THR A 18 43.71 -1.73 26.35
N ILE A 19 42.82 -2.61 26.79
CA ILE A 19 43.14 -3.98 27.13
C ILE A 19 42.38 -4.92 26.19
N ASP A 20 43.04 -5.99 25.75
CA ASP A 20 42.32 -7.06 25.09
C ASP A 20 41.55 -7.84 26.15
N LEU A 21 40.24 -8.01 25.92
CA LEU A 21 39.45 -9.03 26.61
C LEU A 21 40.21 -10.34 26.49
N PRO A 22 40.64 -10.91 27.62
CA PRO A 22 41.72 -11.94 27.56
C PRO A 22 41.35 -13.17 26.78
N ALA A 23 42.30 -13.69 26.01
CA ALA A 23 42.14 -15.02 25.44
C ALA A 23 41.87 -15.94 26.63
N VAL A 24 42.87 -16.11 27.49
CA VAL A 24 42.78 -16.99 28.63
C VAL A 24 42.44 -16.21 29.88
N TYR A 25 41.54 -16.77 30.67
CA TYR A 25 41.13 -16.11 31.89
C TYR A 25 40.77 -17.13 32.95
N GLN A 26 41.18 -16.85 34.17
CA GLN A 26 40.76 -17.65 35.30
C GLN A 26 39.64 -16.89 36.02
N LEU A 27 38.49 -17.52 36.18
CA LEU A 27 37.33 -16.87 36.75
C LEU A 27 37.17 -17.16 38.22
N ASN A 28 36.93 -16.12 39.00
CA ASN A 28 36.82 -16.23 40.44
C ASN A 28 35.51 -15.62 40.97
N GLY A 29 34.66 -16.45 41.56
CA GLY A 29 33.39 -16.00 42.13
C GLY A 29 32.14 -16.44 41.36
N GLY A 30 32.34 -17.24 40.31
CA GLY A 30 31.24 -17.62 39.45
C GLY A 30 30.26 -18.64 40.03
N GLU A 31 30.67 -19.35 41.07
CA GLU A 31 29.77 -20.33 41.69
C GLU A 31 28.93 -19.65 42.76
N GLU A 32 29.27 -18.42 43.10
CA GLU A 32 28.69 -17.73 44.25
C GLU A 32 28.03 -16.40 43.91
N ALA A 33 28.33 -15.86 42.74
CA ALA A 33 27.79 -14.58 42.34
C ALA A 33 26.41 -14.74 41.72
N ASN A 34 25.66 -13.65 41.68
CA ASN A 34 24.38 -13.64 40.98
C ASN A 34 24.47 -14.38 39.66
N PRO A 35 23.67 -15.42 39.53
CA PRO A 35 23.73 -16.28 38.35
C PRO A 35 23.38 -15.54 37.07
N HIS A 36 22.44 -14.61 37.16
CA HIS A 36 22.05 -13.80 36.03
C HIS A 36 23.26 -13.07 35.47
N ALA A 37 24.04 -12.47 36.37
CA ALA A 37 25.21 -11.72 35.98
C ALA A 37 26.28 -12.66 35.40
N VAL A 38 26.42 -13.81 36.01
CA VAL A 38 27.40 -14.77 35.53
C VAL A 38 27.09 -15.05 34.08
N LYS A 39 25.86 -15.48 33.81
CA LYS A 39 25.39 -15.75 32.46
C LYS A 39 25.82 -14.71 31.44
N VAL A 40 25.50 -13.46 31.70
CA VAL A 40 25.94 -12.40 30.82
C VAL A 40 27.45 -12.50 30.64
N LEU A 41 28.16 -12.68 31.74
CA LEU A 41 29.53 -12.50 31.73
C LEU A 41 30.12 -13.66 30.89
N LYS A 42 29.60 -14.88 31.06
CA LYS A 42 30.15 -16.01 30.24
C LYS A 42 29.75 -15.92 28.75
N GLU A 43 28.53 -15.43 28.48
CA GLU A 43 28.11 -15.12 27.10
C GLU A 43 29.12 -14.17 26.43
N LEU A 44 29.55 -13.16 27.18
CA LEU A 44 30.61 -12.24 26.73
C LEU A 44 31.97 -12.92 26.53
N LEU A 45 32.25 -13.95 27.33
CA LEU A 45 33.53 -14.73 27.22
C LEU A 45 33.50 -15.98 26.35
N SER A 46 32.40 -16.22 25.65
CA SER A 46 32.37 -17.29 24.67
C SER A 46 33.45 -16.99 23.65
N GLY A 47 34.15 -18.01 23.21
CA GLY A 47 35.31 -17.79 22.37
C GLY A 47 36.54 -17.88 23.25
N LYS A 48 36.50 -17.20 24.39
CA LYS A 48 37.61 -17.21 25.33
C LYS A 48 37.65 -18.53 26.15
N GLN A 49 38.85 -18.93 26.61
CA GLN A 49 39.05 -20.17 27.37
C GLN A 49 39.18 -19.97 28.89
N SER A 50 38.65 -20.90 29.66
CA SER A 50 38.80 -20.83 31.10
C SER A 50 39.90 -21.75 31.58
N SER A 51 40.54 -21.38 32.67
CA SER A 51 41.61 -22.20 33.23
C SER A 51 42.07 -21.63 34.56
N LYS A 52 42.91 -22.40 35.24
CA LYS A 52 43.55 -21.94 36.46
C LYS A 52 44.54 -20.79 36.21
N LYS A 53 44.79 -20.45 34.95
CA LYS A 53 45.74 -19.39 34.66
C LYS A 53 45.13 -18.23 33.86
N GLY A 54 45.99 -17.36 33.34
CA GLY A 54 45.57 -16.17 32.62
C GLY A 54 44.83 -15.15 33.48
N MET A 55 44.42 -14.07 32.85
CA MET A 55 44.02 -12.89 33.58
C MET A 55 42.86 -13.18 34.53
N LEU A 56 42.89 -12.49 35.68
CA LEU A 56 41.94 -12.74 36.72
C LEU A 56 40.72 -11.89 36.46
N ILE A 57 39.56 -12.51 36.60
CA ILE A 57 38.30 -11.77 36.59
C ILE A 57 37.51 -12.11 37.85
N SER A 58 37.16 -11.11 38.64
CA SER A 58 36.50 -11.39 39.92
C SER A 58 35.10 -10.87 39.90
N ILE A 59 34.14 -11.77 40.09
CA ILE A 59 32.74 -11.38 40.10
C ILE A 59 32.02 -11.69 41.43
N GLY A 60 31.23 -10.78 41.98
CA GLY A 60 30.54 -11.21 43.17
C GLY A 60 29.82 -10.07 43.81
N GLU A 61 29.12 -10.35 44.89
CA GLU A 61 28.48 -9.29 45.71
C GLU A 61 29.43 -9.05 46.89
N LYS A 62 29.31 -7.88 47.52
CA LYS A 62 30.16 -7.53 48.66
C LYS A 62 29.99 -8.67 49.68
N GLY A 63 31.05 -9.15 50.28
CA GLY A 63 30.77 -10.25 51.22
C GLY A 63 31.13 -11.61 50.66
N ASP A 64 31.12 -11.73 49.35
CA ASP A 64 31.58 -12.93 48.68
C ASP A 64 33.10 -13.02 48.73
N LYS A 65 33.61 -14.19 49.08
CA LYS A 65 35.05 -14.40 49.09
C LYS A 65 35.72 -13.68 47.92
N SER A 66 35.15 -13.87 46.75
CA SER A 66 35.68 -13.35 45.49
C SER A 66 36.01 -11.85 45.43
N VAL A 67 35.17 -11.02 46.03
CA VAL A 67 35.36 -9.59 45.87
C VAL A 67 35.35 -8.85 47.22
N ARG A 68 35.49 -9.58 48.32
CA ARG A 68 35.42 -8.97 49.66
C ARG A 68 36.53 -7.92 49.86
N LYS A 69 37.75 -8.20 49.37
CA LYS A 69 38.87 -7.24 49.46
C LYS A 69 38.57 -5.85 48.84
N TYR A 70 37.53 -5.75 48.00
CA TYR A 70 37.16 -4.49 47.32
C TYR A 70 36.01 -3.75 48.05
N SER A 71 35.67 -4.18 49.26
CA SER A 71 34.57 -3.55 50.00
C SER A 71 34.62 -2.05 50.08
N ARG A 72 35.85 -1.50 50.20
CA ARG A 72 35.98 -0.05 50.36
C ARG A 72 35.66 0.67 49.05
N GLN A 73 35.79 -0.06 47.94
CA GLN A 73 35.42 0.49 46.63
C GLN A 73 33.91 0.41 46.27
N ILE A 74 33.19 -0.57 46.81
CA ILE A 74 31.78 -0.84 46.49
C ILE A 74 30.84 0.16 47.14
N PRO A 75 30.09 0.93 46.33
CA PRO A 75 29.24 1.94 46.94
C PRO A 75 28.20 1.34 47.85
N ASP A 76 27.97 2.02 48.97
CA ASP A 76 27.09 1.53 50.03
C ASP A 76 25.68 2.04 49.69
N HIS A 77 25.17 1.53 48.58
CA HIS A 77 23.84 1.86 47.99
C HIS A 77 23.24 0.56 47.40
N LYS A 78 21.96 0.34 47.68
CA LYS A 78 21.11 -0.63 46.96
C LYS A 78 21.39 -0.54 45.44
N GLU A 79 21.76 -1.67 44.85
CA GLU A 79 21.93 -1.79 43.41
C GLU A 79 23.15 -1.10 42.88
N GLY A 80 23.98 -0.60 43.81
CA GLY A 80 25.27 0.00 43.49
C GLY A 80 26.31 -1.05 43.10
N TYR A 81 27.38 -0.62 42.46
CA TYR A 81 28.47 -1.58 42.09
C TYR A 81 29.76 -0.81 41.86
N TYR A 82 30.84 -1.57 41.72
CA TYR A 82 32.13 -1.08 41.47
C TYR A 82 32.64 -1.97 40.35
N LEU A 83 33.16 -1.36 39.30
CA LEU A 83 33.75 -2.09 38.15
C LEU A 83 35.12 -1.54 37.91
N SER A 84 36.07 -2.42 37.66
CA SER A 84 37.42 -2.00 37.42
C SER A 84 37.99 -2.80 36.27
N VAL A 85 38.60 -2.10 35.33
CA VAL A 85 39.39 -2.77 34.29
C VAL A 85 40.79 -2.17 34.26
N ASN A 86 41.81 -3.02 34.36
CA ASN A 86 43.20 -2.60 34.08
C ASN A 86 44.00 -3.77 33.54
N GLU A 87 45.30 -3.56 33.34
CA GLU A 87 46.16 -4.56 32.72
C GLU A 87 46.23 -5.90 33.42
N LYS A 88 46.03 -5.91 34.73
CA LYS A 88 46.20 -7.16 35.48
C LYS A 88 44.88 -7.89 35.72
N GLU A 89 43.76 -7.16 35.94
CA GLU A 89 42.54 -7.87 36.21
C GLU A 89 41.28 -7.02 36.00
N ILE A 90 40.12 -7.69 36.06
CA ILE A 90 38.82 -7.06 35.90
C ILE A 90 38.03 -7.32 37.18
N VAL A 91 37.35 -6.30 37.67
CA VAL A 91 36.56 -6.49 38.86
C VAL A 91 35.12 -6.17 38.57
N LEU A 92 34.22 -7.08 38.97
CA LEU A 92 32.81 -6.82 38.82
C LEU A 92 32.09 -7.14 40.13
N ALA A 93 31.73 -6.11 40.91
CA ALA A 93 31.38 -6.34 42.31
C ALA A 93 30.18 -5.54 42.71
N GLY A 94 29.06 -6.24 42.95
CA GLY A 94 27.85 -5.51 43.38
C GLY A 94 27.75 -5.33 44.89
N ASN A 95 27.09 -4.26 45.33
CA ASN A 95 26.75 -4.14 46.71
C ASN A 95 25.81 -5.28 47.06
N ASP A 96 25.07 -5.75 46.04
CA ASP A 96 24.05 -6.81 46.20
C ASP A 96 23.91 -7.47 44.85
N GLU A 97 23.06 -8.50 44.75
CA GLU A 97 22.94 -9.27 43.51
C GLU A 97 22.52 -8.43 42.31
N ARG A 98 21.59 -7.50 42.50
CA ARG A 98 21.22 -6.69 41.39
C ARG A 98 22.40 -5.79 40.95
N GLY A 99 23.20 -5.29 41.88
CA GLY A 99 24.36 -4.49 41.51
C GLY A 99 25.34 -5.25 40.66
N THR A 100 25.52 -6.53 40.96
CA THR A 100 26.46 -7.29 40.16
C THR A 100 25.93 -7.31 38.72
N TYR A 101 24.59 -7.49 38.59
CA TYR A 101 23.95 -7.56 37.29
C TYR A 101 24.21 -6.29 36.54
N TYR A 102 24.01 -5.18 37.23
CA TYR A 102 24.15 -3.88 36.60
C TYR A 102 25.59 -3.61 36.21
N ALA A 103 26.53 -4.08 37.01
CA ALA A 103 27.93 -3.96 36.70
C ALA A 103 28.18 -4.59 35.35
N LEU A 104 27.70 -5.83 35.13
CA LEU A 104 27.78 -6.42 33.81
C LEU A 104 27.03 -5.64 32.74
N GLN A 105 25.88 -4.98 33.00
CA GLN A 105 25.27 -4.21 31.94
C GLN A 105 26.22 -3.08 31.53
N THR A 106 26.95 -2.51 32.50
CA THR A 106 27.96 -1.49 32.12
C THR A 106 29.15 -2.13 31.39
N PHE A 107 29.59 -3.28 31.87
CA PHE A 107 30.72 -3.98 31.21
C PHE A 107 30.38 -4.20 29.75
N ALA A 108 29.16 -4.68 29.44
CA ALA A 108 28.80 -4.99 28.05
C ALA A 108 28.91 -3.78 27.12
N GLN A 109 28.59 -2.60 27.63
CA GLN A 109 28.73 -1.36 26.84
C GLN A 109 30.18 -0.92 26.63
N LEU A 110 31.07 -1.28 27.56
CA LEU A 110 32.50 -0.92 27.48
C LEU A 110 33.19 -1.74 26.43
N LEU A 111 32.72 -2.98 26.28
CA LEU A 111 33.37 -3.92 25.42
C LEU A 111 33.09 -3.53 23.98
N LYS A 112 34.14 -3.21 23.21
CA LYS A 112 34.00 -2.93 21.76
C LYS A 112 35.15 -3.51 20.93
N ASP A 113 34.79 -4.24 19.87
CA ASP A 113 35.75 -4.91 18.99
C ASP A 113 36.79 -5.74 19.75
N GLY A 114 36.29 -6.39 20.79
CA GLY A 114 37.05 -7.25 21.71
C GLY A 114 38.10 -6.53 22.53
N LYS A 115 37.81 -5.31 22.94
CA LYS A 115 38.76 -4.45 23.61
C LYS A 115 38.04 -3.64 24.64
N LEU A 116 38.73 -3.38 25.74
CA LEU A 116 38.18 -2.63 26.84
C LEU A 116 39.10 -1.47 27.14
N PRO A 117 38.53 -0.36 27.58
CA PRO A 117 39.39 0.69 28.09
C PRO A 117 39.78 0.38 29.54
N GLU A 118 40.91 0.90 30.00
CA GLU A 118 41.21 0.88 31.43
C GLU A 118 40.29 1.87 32.12
N VAL A 119 39.47 1.37 33.03
CA VAL A 119 38.53 2.23 33.73
C VAL A 119 38.29 1.79 35.17
N GLU A 120 37.78 2.72 35.98
CA GLU A 120 37.32 2.43 37.30
C GLU A 120 36.00 3.11 37.36
N ILE A 121 34.96 2.38 37.76
CA ILE A 121 33.58 2.96 37.92
C ILE A 121 33.00 2.61 39.25
N LYS A 122 32.33 3.58 39.85
CA LYS A 122 31.57 3.36 41.07
C LYS A 122 30.22 3.94 40.77
N ASP A 123 29.19 3.13 40.89
CA ASP A 123 27.87 3.50 40.33
C ASP A 123 26.73 2.98 41.17
N TYR A 124 25.57 3.61 41.02
CA TYR A 124 24.36 3.22 41.74
C TYR A 124 23.26 4.19 41.25
N PRO A 125 21.96 3.84 41.47
CA PRO A 125 20.87 4.66 40.94
C PRO A 125 20.51 5.69 41.89
N SER A 126 20.10 6.85 41.40
CA SER A 126 19.70 7.92 42.27
C SER A 126 18.24 7.83 42.73
N VAL A 127 17.48 7.02 42.02
CA VAL A 127 16.03 6.81 42.28
C VAL A 127 15.81 5.32 42.52
N ARG A 128 15.08 4.98 43.56
CA ARG A 128 15.06 3.53 43.98
C ARG A 128 14.34 2.59 42.98
N TYR A 129 13.16 3.01 42.53
CA TYR A 129 12.37 2.27 41.51
C TYR A 129 12.23 2.99 40.19
N ARG A 130 12.54 2.26 39.12
CA ARG A 130 12.70 2.91 37.82
C ARG A 130 12.18 1.96 36.78
N GLY A 131 11.26 2.45 35.96
CA GLY A 131 10.81 1.56 34.88
C GLY A 131 9.64 2.05 34.11
N VAL A 132 8.73 1.13 33.85
CA VAL A 132 7.59 1.31 32.92
C VAL A 132 6.31 0.79 33.54
N VAL A 133 5.25 1.61 33.51
CA VAL A 133 3.96 1.04 33.79
C VAL A 133 3.21 0.85 32.45
N GLU A 134 2.96 -0.40 32.05
CA GLU A 134 2.04 -0.62 30.92
C GLU A 134 0.59 -0.31 31.38
N GLY A 135 0.18 0.95 31.33
CA GLY A 135 -1.06 1.36 32.01
C GLY A 135 -2.00 2.19 31.16
N PHE A 136 -1.76 2.09 29.86
CA PHE A 136 -2.51 2.84 28.83
C PHE A 136 -3.89 2.23 28.46
N TYR A 137 -4.80 3.06 27.90
CA TYR A 137 -5.97 2.56 27.12
C TYR A 137 -5.59 2.17 25.68
N GLY A 138 -6.10 1.00 25.19
CA GLY A 138 -5.98 0.57 23.77
C GLY A 138 -5.45 -0.86 23.76
N THR A 139 -4.99 -1.30 22.60
CA THR A 139 -4.58 -2.67 22.47
C THR A 139 -3.40 -2.86 23.39
N PRO A 140 -3.57 -3.66 24.45
CA PRO A 140 -2.43 -3.96 25.35
C PRO A 140 -1.27 -4.51 24.50
N TRP A 141 -0.05 -4.53 25.04
CA TRP A 141 1.13 -4.99 24.33
C TRP A 141 1.03 -6.47 24.08
N SER A 142 1.62 -6.94 22.98
CA SER A 142 1.56 -8.34 22.70
C SER A 142 2.55 -9.03 23.62
N HIS A 143 2.46 -10.37 23.68
CA HIS A 143 3.31 -11.14 24.54
C HIS A 143 4.76 -11.00 24.09
N GLN A 144 5.00 -11.17 22.78
CA GLN A 144 6.36 -11.06 22.26
C GLN A 144 6.92 -9.66 22.48
N ALA A 145 6.06 -8.64 22.39
CA ALA A 145 6.55 -7.32 22.63
C ALA A 145 7.01 -7.22 24.09
N ARG A 146 6.29 -7.87 25.03
CA ARG A 146 6.52 -7.70 26.48
C ARG A 146 7.84 -8.42 26.82
N LEU A 147 8.05 -9.56 26.17
CA LEU A 147 9.29 -10.20 26.39
C LEU A 147 10.43 -9.23 25.99
N SER A 148 10.34 -8.62 24.79
CA SER A 148 11.39 -7.75 24.28
C SER A 148 11.61 -6.60 25.23
N GLN A 149 10.53 -6.00 25.74
CA GLN A 149 10.66 -4.97 26.72
C GLN A 149 11.42 -5.31 28.00
N LEU A 150 11.19 -6.49 28.56
CA LEU A 150 11.85 -6.88 29.81
C LEU A 150 13.36 -7.01 29.63
N LYS A 151 13.78 -7.54 28.49
CA LYS A 151 15.17 -7.66 28.17
C LYS A 151 15.80 -6.26 28.02
N PHE A 152 15.03 -5.35 27.43
CA PHE A 152 15.52 -4.00 27.23
C PHE A 152 15.67 -3.28 28.59
N TYR A 153 14.70 -3.49 29.52
CA TYR A 153 14.80 -2.92 30.90
C TYR A 153 16.09 -3.45 31.59
N GLY A 154 16.27 -4.74 31.59
CA GLY A 154 17.51 -5.30 32.15
C GLY A 154 18.71 -4.47 31.73
N LYS A 155 18.82 -4.26 30.43
CA LYS A 155 19.99 -3.63 29.82
C LYS A 155 20.16 -2.15 30.24
N ASN A 156 19.06 -1.47 30.55
CA ASN A 156 19.10 -0.07 30.89
C ASN A 156 18.81 0.19 32.38
N LYS A 157 18.84 -0.89 33.20
CA LYS A 157 18.78 -0.77 34.68
C LYS A 157 17.45 -0.26 35.16
N MET A 158 16.40 -0.63 34.45
CA MET A 158 15.06 -0.36 34.96
C MET A 158 14.70 -1.63 35.74
N ASN A 159 14.29 -1.44 36.99
CA ASN A 159 14.01 -2.57 37.88
C ASN A 159 12.50 -2.82 38.09
N THR A 160 11.68 -2.09 37.37
CA THR A 160 10.24 -2.08 37.66
C THR A 160 9.42 -2.14 36.36
N TYR A 161 8.65 -3.21 36.22
CA TYR A 161 7.61 -3.31 35.19
C TYR A 161 6.27 -3.45 35.86
N ILE A 162 5.45 -2.42 35.78
CA ILE A 162 4.11 -2.59 36.30
C ILE A 162 3.07 -2.94 35.20
N TYR A 163 2.50 -4.13 35.30
CA TYR A 163 1.48 -4.60 34.37
C TYR A 163 0.10 -4.05 34.72
N GLY A 164 -0.47 -3.22 33.85
CA GLY A 164 -1.79 -2.68 34.12
C GLY A 164 -2.56 -2.09 32.95
N PRO A 165 -2.65 -2.83 31.85
CA PRO A 165 -3.35 -2.34 30.66
C PRO A 165 -4.84 -2.12 30.93
N LYS A 166 -5.32 -0.90 30.69
CA LYS A 166 -6.69 -0.55 31.01
C LYS A 166 -7.72 -1.48 30.38
N ASP A 167 -7.37 -2.04 29.23
CA ASP A 167 -8.26 -2.90 28.47
C ASP A 167 -8.15 -4.39 28.69
N ASP A 168 -7.26 -4.84 29.56
CA ASP A 168 -7.18 -6.24 29.97
C ASP A 168 -8.34 -6.48 30.94
N PRO A 169 -9.37 -7.24 30.48
CA PRO A 169 -10.56 -7.46 31.32
C PRO A 169 -10.28 -8.24 32.65
N TYR A 170 -9.17 -8.96 32.73
CA TYR A 170 -8.76 -9.61 33.98
C TYR A 170 -7.99 -8.66 34.90
N HIS A 171 -7.63 -7.47 34.40
CA HIS A 171 -7.00 -6.44 35.23
C HIS A 171 -8.07 -5.45 35.76
N SER A 172 -9.03 -5.11 34.89
CA SER A 172 -10.05 -4.07 35.24
C SER A 172 -11.42 -4.68 35.33
N ALA A 173 -12.47 -3.86 35.34
CA ALA A 173 -13.78 -4.47 35.46
C ALA A 173 -14.20 -4.96 34.07
N PRO A 174 -14.96 -6.03 34.00
CA PRO A 174 -15.69 -6.74 35.06
C PRO A 174 -14.92 -7.88 35.68
N ASN A 175 -13.94 -8.42 34.96
CA ASN A 175 -13.36 -9.68 35.36
C ASN A 175 -12.08 -9.64 36.22
N TRP A 176 -11.83 -8.52 36.91
CA TRP A 176 -10.75 -8.48 37.88
C TRP A 176 -10.87 -9.57 38.96
N ARG A 177 -12.11 -9.95 39.26
CA ARG A 177 -12.39 -11.03 40.21
C ARG A 177 -11.97 -12.40 39.68
N LEU A 178 -11.74 -12.54 38.37
CA LEU A 178 -11.51 -13.86 37.79
C LEU A 178 -10.04 -14.16 37.49
N PRO A 179 -9.57 -15.35 37.85
CA PRO A 179 -8.22 -15.74 37.45
C PRO A 179 -8.05 -15.77 35.92
N TYR A 180 -6.85 -15.45 35.44
CA TYR A 180 -6.52 -15.52 34.01
C TYR A 180 -6.83 -16.91 33.50
N PRO A 181 -7.33 -17.03 32.26
CA PRO A 181 -7.49 -18.32 31.64
C PRO A 181 -6.11 -19.00 31.48
N ASP A 182 -6.12 -20.31 31.23
CA ASP A 182 -4.83 -21.06 31.16
C ASP A 182 -3.73 -20.46 30.26
N LYS A 183 -4.12 -19.98 29.08
CA LYS A 183 -3.20 -19.54 28.03
C LYS A 183 -2.47 -18.32 28.57
N GLU A 184 -3.26 -17.33 28.99
CA GLU A 184 -2.75 -16.11 29.50
C GLU A 184 -1.91 -16.29 30.76
N ALA A 185 -2.32 -17.24 31.62
CA ALA A 185 -1.69 -17.45 32.90
C ALA A 185 -0.30 -18.01 32.61
N ALA A 186 -0.22 -18.94 31.66
CA ALA A 186 1.06 -19.53 31.26
C ALA A 186 1.99 -18.46 30.67
N GLN A 187 1.39 -17.43 30.04
CA GLN A 187 2.21 -16.44 29.37
C GLN A 187 2.76 -15.51 30.44
N LEU A 188 1.86 -14.92 31.27
CA LEU A 188 2.25 -14.19 32.48
C LEU A 188 3.32 -14.86 33.32
N GLN A 189 3.28 -16.20 33.43
CA GLN A 189 4.24 -16.93 34.20
C GLN A 189 5.61 -16.92 33.50
N GLU A 190 5.57 -16.97 32.19
CA GLU A 190 6.76 -16.80 31.38
C GLU A 190 7.29 -15.39 31.61
N LEU A 191 6.41 -14.40 31.50
CA LEU A 191 6.83 -13.03 31.68
C LEU A 191 7.55 -12.83 33.00
N VAL A 192 6.98 -13.36 34.07
CA VAL A 192 7.56 -13.20 35.39
C VAL A 192 8.95 -13.83 35.45
N ALA A 193 9.08 -14.99 34.83
CA ALA A 193 10.35 -15.67 34.78
C ALA A 193 11.37 -14.81 34.06
N VAL A 194 10.97 -14.20 32.97
CA VAL A 194 11.89 -13.41 32.18
C VAL A 194 12.23 -12.13 32.94
N ALA A 195 11.24 -11.58 33.61
CA ALA A 195 11.47 -10.42 34.45
C ALA A 195 12.56 -10.72 35.48
N ASN A 196 12.46 -11.89 36.10
CA ASN A 196 13.39 -12.26 37.15
C ASN A 196 14.82 -12.37 36.62
N GLU A 197 14.96 -13.04 35.49
CA GLU A 197 16.25 -13.19 34.83
C GLU A 197 16.93 -11.90 34.41
N ASN A 198 16.16 -10.80 34.33
CA ASN A 198 16.61 -9.47 33.89
C ASN A 198 16.54 -8.42 35.03
N GLU A 199 16.34 -8.92 36.26
CA GLU A 199 16.43 -8.15 37.49
C GLU A 199 15.36 -7.09 37.47
N VAL A 200 14.24 -7.39 36.81
CA VAL A 200 13.06 -6.49 36.85
C VAL A 200 12.08 -7.12 37.81
N ASP A 201 11.49 -6.27 38.66
CA ASP A 201 10.33 -6.58 39.47
C ASP A 201 9.05 -6.53 38.62
N PHE A 202 8.35 -7.67 38.46
CA PHE A 202 7.03 -7.70 37.82
C PHE A 202 6.00 -7.30 38.87
N VAL A 203 5.37 -6.15 38.67
CA VAL A 203 4.36 -5.67 39.60
C VAL A 203 3.03 -5.88 38.88
N TRP A 204 2.23 -6.86 39.35
CA TRP A 204 0.89 -7.03 38.80
C TRP A 204 -0.06 -6.06 39.49
N ALA A 205 -0.70 -5.24 38.73
CA ALA A 205 -1.65 -4.24 39.25
C ALA A 205 -3.07 -4.73 39.02
N ILE A 206 -4.01 -4.22 39.81
CA ILE A 206 -5.41 -4.53 39.65
C ILE A 206 -6.20 -3.23 39.72
N HIS A 207 -7.26 -3.15 38.96
CA HIS A 207 -8.01 -1.92 38.77
C HIS A 207 -9.49 -2.20 39.02
N PRO A 208 -9.81 -2.44 40.27
CA PRO A 208 -11.12 -2.99 40.64
C PRO A 208 -12.13 -1.94 41.04
N GLY A 209 -11.72 -0.69 41.07
CA GLY A 209 -12.50 0.37 41.68
C GLY A 209 -13.85 0.73 41.12
N GLN A 210 -14.05 0.53 39.82
CA GLN A 210 -15.29 0.96 39.18
C GLN A 210 -16.55 0.26 39.71
N ASP A 211 -16.43 -1.00 40.07
CA ASP A 211 -17.57 -1.76 40.55
C ASP A 211 -17.34 -2.45 41.89
N ILE A 212 -16.27 -2.09 42.58
CA ILE A 212 -15.97 -2.73 43.84
C ILE A 212 -17.02 -2.46 44.91
N LYS A 213 -17.36 -3.47 45.68
CA LYS A 213 -18.17 -3.27 46.89
C LYS A 213 -17.21 -3.30 48.08
N TRP A 214 -17.48 -2.44 49.04
CA TRP A 214 -16.73 -2.39 50.27
C TRP A 214 -17.30 -3.40 51.29
N ASN A 215 -17.41 -4.66 50.87
CA ASN A 215 -17.85 -5.75 51.76
C ASN A 215 -16.74 -6.85 51.77
N LYS A 216 -16.95 -7.89 52.57
CA LYS A 216 -16.04 -9.02 52.68
C LYS A 216 -15.91 -9.83 51.39
N GLU A 217 -17.01 -10.02 50.66
CA GLU A 217 -16.91 -10.81 49.44
C GLU A 217 -15.89 -10.25 48.40
N ASP A 218 -15.91 -8.94 48.13
CA ASP A 218 -14.96 -8.34 47.16
C ASP A 218 -13.51 -8.28 47.68
N ARG A 219 -13.37 -7.88 48.93
CA ARG A 219 -12.13 -7.96 49.66
C ARG A 219 -11.54 -9.37 49.49
N ASP A 220 -12.31 -10.43 49.82
CA ASP A 220 -11.84 -11.80 49.65
C ASP A 220 -11.49 -12.17 48.22
N LEU A 221 -12.28 -11.72 47.25
CA LEU A 221 -11.96 -12.07 45.87
C LEU A 221 -10.69 -11.39 45.39
N LEU A 222 -10.51 -10.13 45.78
CA LEU A 222 -9.30 -9.37 45.47
C LEU A 222 -8.08 -10.11 46.05
N LEU A 223 -8.11 -10.47 47.34
CA LEU A 223 -7.02 -11.31 47.86
C LEU A 223 -6.84 -12.68 47.17
N ALA A 224 -7.94 -13.37 46.89
CA ALA A 224 -7.91 -14.62 46.13
C ALA A 224 -7.22 -14.46 44.78
N LYS A 225 -7.49 -13.33 44.13
CA LYS A 225 -6.84 -13.05 42.85
C LYS A 225 -5.33 -12.79 43.00
N PHE A 226 -4.98 -11.96 43.98
CA PHE A 226 -3.57 -11.76 44.30
C PHE A 226 -2.87 -13.08 44.58
N GLU A 227 -3.55 -13.98 45.31
CA GLU A 227 -3.00 -15.28 45.57
C GLU A 227 -2.74 -16.10 44.30
N LYS A 228 -3.66 -16.03 43.32
CA LYS A 228 -3.43 -16.71 42.03
C LYS A 228 -2.21 -16.15 41.32
N MET A 229 -2.08 -14.84 41.33
CA MET A 229 -0.89 -14.23 40.71
C MET A 229 0.41 -14.62 41.42
N TYR A 230 0.34 -14.67 42.76
CA TYR A 230 1.49 -15.17 43.53
C TYR A 230 1.89 -16.58 43.06
N GLN A 231 0.90 -17.45 42.80
CA GLN A 231 1.21 -18.84 42.35
C GLN A 231 1.87 -18.89 40.97
N LEU A 232 1.60 -17.86 40.18
CA LEU A 232 2.27 -17.64 38.87
C LEU A 232 3.66 -17.00 39.00
N GLY A 233 4.03 -16.64 40.24
CA GLY A 233 5.38 -16.16 40.51
C GLY A 233 5.44 -14.67 40.78
N VAL A 234 4.31 -13.98 40.78
CA VAL A 234 4.33 -12.54 41.01
C VAL A 234 4.68 -12.28 42.48
N ARG A 235 5.61 -11.35 42.68
CA ARG A 235 6.07 -10.98 44.02
C ARG A 235 5.92 -9.48 44.36
N SER A 236 5.43 -8.68 43.44
CA SER A 236 4.99 -7.27 43.72
C SER A 236 3.63 -7.01 43.13
N PHE A 237 2.88 -6.13 43.77
CA PHE A 237 1.47 -5.92 43.50
C PHE A 237 1.06 -4.45 43.58
N ALA A 238 0.04 -4.07 42.82
CA ALA A 238 -0.56 -2.71 42.93
C ALA A 238 -2.06 -2.69 42.83
N VAL A 239 -2.70 -1.68 43.41
CA VAL A 239 -4.13 -1.49 43.24
C VAL A 239 -4.26 -0.06 42.69
N PHE A 240 -4.90 0.08 41.54
CA PHE A 240 -5.06 1.39 40.87
C PHE A 240 -6.49 1.79 41.03
N PHE A 241 -6.74 2.99 41.54
CA PHE A 241 -8.04 3.58 41.63
C PHE A 241 -8.19 4.83 40.72
N ASP A 242 -7.50 4.82 39.57
CA ASP A 242 -7.53 5.94 38.62
C ASP A 242 -8.69 5.86 37.61
N ASP A 243 -9.27 7.02 37.29
CA ASP A 243 -10.29 7.08 36.20
C ASP A 243 -11.50 6.18 36.46
N ILE A 244 -12.14 6.35 37.63
CA ILE A 244 -13.28 5.58 38.00
C ILE A 244 -14.18 6.60 38.70
N SER A 245 -15.44 6.26 38.86
CA SER A 245 -16.43 7.08 39.62
C SER A 245 -17.21 6.26 40.61
N GLY A 246 -17.90 6.91 41.58
CA GLY A 246 -18.71 6.17 42.53
C GLY A 246 -18.02 5.86 43.86
N GLU A 247 -18.42 4.75 44.47
CA GLU A 247 -17.99 4.42 45.83
C GLU A 247 -16.56 4.00 45.91
N GLY A 248 -16.07 3.41 44.84
CA GLY A 248 -14.65 3.05 44.75
C GLY A 248 -13.68 4.22 44.96
N THR A 249 -14.18 5.47 45.02
CA THR A 249 -13.26 6.63 45.10
C THR A 249 -13.06 7.09 46.54
N ASN A 250 -13.65 6.35 47.47
CA ASN A 250 -13.63 6.69 48.89
C ASN A 250 -12.19 6.46 49.44
N PRO A 251 -11.53 7.54 49.91
CA PRO A 251 -10.11 7.45 50.29
C PRO A 251 -9.90 6.62 51.57
N GLN A 252 -10.80 6.78 52.53
CA GLN A 252 -10.77 5.97 53.74
C GLN A 252 -10.83 4.45 53.44
N LYS A 253 -11.78 4.04 52.58
CA LYS A 253 -11.95 2.63 52.20
C LYS A 253 -10.82 2.13 51.36
N GLN A 254 -10.25 2.99 50.53
CA GLN A 254 -9.08 2.59 49.78
C GLN A 254 -7.90 2.29 50.70
N ALA A 255 -7.64 3.20 51.62
CA ALA A 255 -6.56 3.05 52.58
C ALA A 255 -6.75 1.76 53.41
N GLU A 256 -7.96 1.53 53.92
CA GLU A 256 -8.31 0.30 54.66
C GLU A 256 -8.01 -0.95 53.83
N LEU A 257 -8.31 -0.92 52.54
CA LEU A 257 -8.14 -2.12 51.74
C LEU A 257 -6.66 -2.37 51.48
N LEU A 258 -5.96 -1.30 51.13
CA LEU A 258 -4.51 -1.40 50.99
C LEU A 258 -3.82 -1.86 52.29
N ASN A 259 -4.29 -1.32 53.43
CA ASN A 259 -3.76 -1.75 54.72
C ASN A 259 -4.08 -3.20 55.02
N TYR A 260 -5.25 -3.63 54.56
CA TYR A 260 -5.65 -5.04 54.75
C TYR A 260 -4.78 -5.97 53.89
N ILE A 261 -4.56 -5.60 52.63
CA ILE A 261 -3.67 -6.37 51.74
C ILE A 261 -2.24 -6.47 52.32
N ASP A 262 -1.76 -5.34 52.82
CA ASP A 262 -0.46 -5.27 53.46
C ASP A 262 -0.40 -6.29 54.62
N GLU A 263 -1.33 -6.15 55.54
CA GLU A 263 -1.27 -6.92 56.76
C GLU A 263 -1.57 -8.42 56.57
N LYS A 264 -2.46 -8.79 55.64
CA LYS A 264 -2.86 -10.21 55.50
C LYS A 264 -2.16 -10.95 54.36
N PHE A 265 -1.38 -10.23 53.56
CA PHE A 265 -0.80 -10.82 52.36
C PHE A 265 0.67 -10.45 52.22
N ALA A 266 0.95 -9.16 52.03
CA ALA A 266 2.32 -8.69 51.87
C ALA A 266 3.21 -9.00 53.10
N GLN A 267 2.61 -9.00 54.31
CA GLN A 267 3.35 -9.28 55.56
C GLN A 267 3.14 -10.72 55.97
N VAL A 268 2.44 -11.49 55.15
CA VAL A 268 2.20 -12.90 55.44
C VAL A 268 3.01 -13.80 54.51
N LYS A 269 3.13 -13.41 53.24
CA LYS A 269 4.07 -14.06 52.32
C LYS A 269 5.51 -13.72 52.66
N PRO A 270 6.44 -14.65 52.41
CA PRO A 270 7.86 -14.50 52.71
C PRO A 270 8.65 -13.44 51.93
N ASP A 271 8.18 -13.08 50.73
CA ASP A 271 9.05 -12.49 49.73
C ASP A 271 8.35 -11.48 48.86
N ILE A 272 7.44 -10.70 49.44
CA ILE A 272 6.76 -9.68 48.68
C ILE A 272 7.58 -8.40 48.72
N ASN A 273 7.79 -7.80 47.54
CA ASN A 273 8.65 -6.64 47.36
C ASN A 273 7.93 -5.29 47.34
N GLN A 274 7.28 -4.91 46.25
CA GLN A 274 6.66 -3.55 46.21
C GLN A 274 5.17 -3.74 46.41
N LEU A 275 4.56 -2.78 47.08
CA LEU A 275 3.12 -2.73 47.20
C LEU A 275 2.75 -1.27 46.95
N VAL A 276 1.98 -1.01 45.88
CA VAL A 276 1.86 0.33 45.31
C VAL A 276 0.40 0.58 45.04
N MET A 277 -0.06 1.79 45.29
CA MET A 277 -1.41 2.16 44.88
C MET A 277 -1.41 3.42 43.99
N CYS A 278 -2.32 3.49 43.02
CA CYS A 278 -2.49 4.73 42.27
C CYS A 278 -3.77 5.37 42.76
N PRO A 279 -3.70 6.64 43.17
CA PRO A 279 -4.88 7.27 43.75
C PRO A 279 -5.90 7.72 42.73
N THR A 280 -7.11 8.07 43.19
CA THR A 280 -8.15 8.64 42.35
C THR A 280 -7.85 10.13 41.98
N GLU A 281 -7.43 10.93 42.95
CA GLU A 281 -6.90 12.28 42.64
C GLU A 281 -5.43 12.04 42.38
N TYR A 282 -5.03 11.94 41.12
CA TYR A 282 -3.66 11.60 40.82
C TYR A 282 -2.82 12.73 40.27
N ASN A 283 -3.36 13.94 40.35
CA ASN A 283 -2.67 15.14 39.91
C ASN A 283 -3.30 16.37 40.56
N LYS A 284 -2.50 17.43 40.67
CA LYS A 284 -2.89 18.61 41.45
C LYS A 284 -4.14 19.29 40.93
N SER A 285 -4.28 19.37 39.61
CA SER A 285 -5.41 20.05 39.02
C SER A 285 -6.69 19.29 39.29
N TRP A 286 -6.58 17.98 39.38
CA TRP A 286 -7.70 17.12 39.64
C TRP A 286 -7.95 16.98 41.13
N SER A 287 -7.05 17.54 41.94
CA SER A 287 -7.11 17.39 43.36
C SER A 287 -8.03 18.47 43.89
N ASN A 288 -9.05 18.05 44.60
CA ASN A 288 -10.10 18.97 45.03
C ASN A 288 -9.57 19.85 46.18
N PRO A 289 -9.22 21.12 45.89
CA PRO A 289 -8.64 21.96 46.93
C PRO A 289 -9.48 21.91 48.22
N ASN A 290 -8.77 21.90 49.36
CA ASN A 290 -9.40 21.92 50.67
C ASN A 290 -10.26 20.69 50.91
N GLY A 291 -10.18 19.74 49.99
CA GLY A 291 -10.84 18.45 50.10
C GLY A 291 -9.85 17.62 50.86
N ASN A 292 -10.24 16.46 51.32
CA ASN A 292 -9.36 15.78 52.25
C ASN A 292 -8.83 14.47 51.68
N TYR A 293 -8.89 14.34 50.35
CA TYR A 293 -8.65 13.03 49.75
C TYR A 293 -7.19 12.61 49.96
N LEU A 294 -6.26 13.47 49.59
CA LEU A 294 -4.84 13.09 49.62
C LEU A 294 -4.32 13.04 51.07
N THR A 295 -4.82 13.92 51.92
CA THR A 295 -4.40 13.87 53.32
C THR A 295 -4.90 12.60 54.05
N THR A 296 -6.13 12.19 53.72
CA THR A 296 -6.66 10.93 54.21
C THR A 296 -5.76 9.76 53.79
N LEU A 297 -5.26 9.77 52.55
CA LEU A 297 -4.38 8.68 52.09
C LEU A 297 -3.02 8.70 52.80
N GLY A 298 -2.47 9.90 52.93
CA GLY A 298 -1.14 10.07 53.47
C GLY A 298 -1.10 9.70 54.94
N ASP A 299 -2.18 10.00 55.65
CA ASP A 299 -2.32 9.68 57.06
C ASP A 299 -2.65 8.21 57.38
N LYS A 300 -3.44 7.56 56.52
CA LYS A 300 -3.94 6.22 56.84
C LYS A 300 -3.15 5.10 56.20
N LEU A 301 -2.60 5.32 55.01
CA LEU A 301 -1.89 4.24 54.33
C LEU A 301 -0.65 3.88 55.10
N ASN A 302 -0.47 2.57 55.32
CA ASN A 302 0.74 2.09 55.97
C ASN A 302 1.98 2.70 55.29
N PRO A 303 2.93 3.20 56.11
CA PRO A 303 4.09 3.92 55.58
C PRO A 303 4.84 3.17 54.47
N SER A 304 4.72 1.84 54.40
CA SER A 304 5.49 1.08 53.37
C SER A 304 4.82 1.04 51.97
N ILE A 305 3.59 1.53 51.90
CA ILE A 305 2.84 1.49 50.65
C ILE A 305 3.18 2.74 49.82
N GLN A 306 3.49 2.54 48.54
CA GLN A 306 3.73 3.67 47.62
C GLN A 306 2.44 4.32 47.07
N ILE A 307 2.55 5.61 46.77
CA ILE A 307 1.45 6.32 46.19
C ILE A 307 1.92 7.02 44.92
N MET A 308 1.22 6.73 43.83
CA MET A 308 1.59 7.21 42.50
C MET A 308 1.03 8.64 42.29
N TRP A 309 1.59 9.35 41.31
CA TRP A 309 1.27 10.79 41.08
C TRP A 309 1.79 11.16 39.73
N THR A 310 1.00 11.93 38.95
CA THR A 310 1.38 12.20 37.54
C THR A 310 1.77 13.68 37.36
N GLY A 311 1.83 14.39 38.49
CA GLY A 311 2.47 15.68 38.51
C GLY A 311 1.42 16.72 38.85
N ASP A 312 1.62 17.94 38.37
CA ASP A 312 0.68 19.05 38.65
C ASP A 312 -0.56 18.94 37.77
N ARG A 313 -0.46 18.16 36.70
CA ARG A 313 -1.60 18.05 35.77
C ARG A 313 -1.65 16.65 35.28
N VAL A 314 -2.79 16.30 34.64
CA VAL A 314 -3.05 14.94 34.15
C VAL A 314 -1.84 14.48 33.35
N ILE A 315 -1.32 15.36 32.49
CA ILE A 315 -0.01 15.07 31.85
C ILE A 315 0.87 16.29 32.16
N SER A 316 2.00 16.05 32.78
CA SER A 316 2.89 17.14 33.21
C SER A 316 4.27 16.59 33.47
N ASP A 317 5.25 17.48 33.53
CA ASP A 317 6.64 17.15 33.84
C ASP A 317 6.86 17.50 35.32
N ILE A 318 7.68 16.72 36.01
CA ILE A 318 7.79 16.89 37.47
C ILE A 318 8.74 18.02 37.89
N THR A 319 8.28 18.89 38.79
CA THR A 319 9.08 20.04 39.24
C THR A 319 9.28 19.93 40.77
N ARG A 320 10.17 20.78 41.31
CA ARG A 320 10.50 20.76 42.72
C ARG A 320 9.32 21.29 43.55
N ASP A 321 8.77 22.43 43.16
CA ASP A 321 7.52 22.93 43.75
C ASP A 321 6.40 21.86 43.70
N GLY A 322 6.31 21.18 42.56
CA GLY A 322 5.26 20.21 42.33
C GLY A 322 5.41 18.95 43.19
N ILE A 323 6.62 18.43 43.30
CA ILE A 323 6.85 17.22 44.08
C ILE A 323 6.79 17.53 45.58
N SER A 324 7.03 18.77 45.97
CA SER A 324 6.93 19.14 47.38
C SER A 324 5.47 19.28 47.77
N TRP A 325 4.65 19.75 46.83
CA TRP A 325 3.23 19.94 47.12
C TRP A 325 2.54 18.56 47.31
N ILE A 326 2.91 17.58 46.50
CA ILE A 326 2.39 16.22 46.72
C ILE A 326 2.95 15.56 48.01
N ASN A 327 4.27 15.47 48.14
CA ASN A 327 4.94 14.89 49.31
C ASN A 327 4.43 15.41 50.68
N GLU A 328 4.25 16.71 50.84
CA GLU A 328 3.74 17.18 52.13
C GLU A 328 2.39 16.57 52.50
N ARG A 329 1.63 16.11 51.51
CA ARG A 329 0.25 15.67 51.74
C ARG A 329 0.15 14.17 51.93
N ILE A 330 0.92 13.44 51.16
CA ILE A 330 0.92 11.99 51.27
C ILE A 330 1.92 11.47 52.29
N LYS A 331 2.68 12.42 52.86
CA LYS A 331 3.63 12.16 53.95
C LYS A 331 4.66 11.10 53.59
N ARG A 332 5.10 11.11 52.34
CA ARG A 332 6.13 10.18 51.85
C ARG A 332 6.53 10.66 50.47
N PRO A 333 7.67 10.19 49.92
CA PRO A 333 8.06 10.58 48.57
C PRO A 333 7.20 9.90 47.49
N ALA A 334 6.58 10.73 46.63
CA ALA A 334 5.65 10.27 45.60
C ALA A 334 6.37 9.32 44.66
N TYR A 335 5.60 8.40 44.12
CA TYR A 335 6.09 7.44 43.17
C TYR A 335 5.53 7.93 41.83
N ILE A 336 6.40 8.42 40.97
CA ILE A 336 5.92 9.11 39.75
C ILE A 336 5.44 8.18 38.66
N TRP A 337 4.24 8.48 38.21
CA TRP A 337 3.62 7.87 37.02
C TRP A 337 3.71 9.00 35.98
N TRP A 338 4.69 8.91 35.11
CA TRP A 338 4.86 10.03 34.15
C TRP A 338 4.12 9.75 32.82
N ASN A 339 3.14 10.61 32.49
CA ASN A 339 2.32 10.34 31.28
C ASN A 339 2.95 10.72 29.92
N PHE A 340 4.07 10.10 29.58
CA PHE A 340 4.72 10.35 28.32
C PHE A 340 5.60 9.14 28.16
N PRO A 341 5.66 8.55 26.96
CA PRO A 341 5.05 9.03 25.71
C PRO A 341 3.62 8.55 25.40
N VAL A 342 2.86 8.16 26.44
CA VAL A 342 1.52 7.65 26.23
C VAL A 342 0.77 8.53 25.25
N SER A 343 0.08 7.92 24.28
CA SER A 343 -0.59 8.73 23.24
C SER A 343 -2.05 8.33 23.10
N ASP A 344 -2.59 7.74 24.16
CA ASP A 344 -3.88 7.07 24.04
C ASP A 344 -5.01 8.09 23.97
N TYR A 345 -4.64 9.35 24.01
CA TYR A 345 -5.64 10.42 23.88
C TYR A 345 -5.32 11.33 22.66
N VAL A 346 -4.22 10.98 21.97
CA VAL A 346 -3.83 11.52 20.63
C VAL A 346 -3.32 10.35 19.76
N ARG A 347 -4.22 9.39 19.58
CA ARG A 347 -3.89 8.10 18.95
C ARG A 347 -3.53 8.20 17.49
N ASP A 348 -3.85 9.33 16.86
CA ASP A 348 -3.37 9.61 15.47
C ASP A 348 -1.94 10.16 15.40
N HIS A 349 -1.32 10.43 16.56
CA HIS A 349 0.12 10.87 16.61
C HIS A 349 0.97 9.83 17.23
N LEU A 350 2.19 9.71 16.68
CA LEU A 350 3.33 9.05 17.38
C LEU A 350 4.14 10.12 18.15
N LEU A 351 4.56 9.83 19.38
CA LEU A 351 5.41 10.76 20.20
C LEU A 351 6.83 10.20 20.36
N LEU A 352 7.71 10.61 19.45
CA LEU A 352 9.01 9.99 19.27
C LEU A 352 10.19 10.92 19.64
N GLY A 353 9.87 12.12 20.13
CA GLY A 353 10.86 13.10 20.61
C GLY A 353 11.59 12.74 21.90
N PRO A 354 12.52 13.61 22.32
CA PRO A 354 13.32 13.47 23.53
C PRO A 354 12.46 13.47 24.78
N VAL A 355 12.99 12.86 25.82
CA VAL A 355 12.40 12.97 27.15
C VAL A 355 12.92 14.24 27.84
N TYR A 356 12.04 15.18 28.20
CA TYR A 356 12.55 16.38 28.86
C TYR A 356 11.51 17.05 29.76
N GLY A 357 11.96 17.95 30.64
CA GLY A 357 11.06 18.83 31.39
C GLY A 357 11.02 18.51 32.87
N ASN A 358 11.50 17.32 33.23
CA ASN A 358 11.56 16.87 34.60
C ASN A 358 12.83 17.42 35.25
N ASP A 359 12.64 18.08 36.41
CA ASP A 359 13.71 18.62 37.24
C ASP A 359 14.74 17.53 37.55
N THR A 360 16.00 17.85 37.35
CA THR A 360 17.06 16.85 37.45
C THR A 360 17.67 16.84 38.83
N THR A 361 17.09 17.59 39.77
CA THR A 361 17.73 17.71 41.08
C THR A 361 16.93 17.07 42.24
N ILE A 362 15.86 16.35 41.92
CA ILE A 362 14.84 16.01 42.92
C ILE A 362 14.75 14.51 43.21
N ALA A 363 15.81 13.78 42.87
CA ALA A 363 15.85 12.33 43.05
C ALA A 363 15.48 11.88 44.46
N LYS A 364 15.82 12.70 45.46
CA LYS A 364 15.59 12.34 46.87
C LYS A 364 14.12 12.51 47.21
N GLU A 365 13.41 13.29 46.39
CA GLU A 365 11.99 13.58 46.61
C GLU A 365 11.03 12.57 45.97
N MET A 366 11.54 11.58 45.22
CA MET A 366 10.68 10.56 44.64
C MET A 366 11.09 9.12 45.00
N SER A 367 10.08 8.29 45.21
CA SER A 367 10.32 6.92 45.59
C SER A 367 10.55 6.09 44.35
N GLY A 368 9.94 6.51 43.25
CA GLY A 368 9.94 5.79 42.01
C GLY A 368 9.68 6.72 40.85
N PHE A 369 10.12 6.29 39.67
CA PHE A 369 9.75 7.05 38.48
C PHE A 369 9.44 6.06 37.35
N VAL A 370 8.19 6.05 36.91
CA VAL A 370 7.82 5.17 35.82
C VAL A 370 7.10 5.90 34.68
N THR A 371 7.43 5.49 33.46
CA THR A 371 6.80 6.03 32.27
C THR A 371 5.62 5.18 31.80
N ASN A 372 4.53 5.85 31.49
CA ASN A 372 3.36 5.26 30.86
C ASN A 372 3.51 5.46 29.35
N PRO A 373 3.79 4.39 28.63
CA PRO A 373 4.19 4.46 27.23
C PRO A 373 3.04 4.45 26.22
N MET A 374 3.40 4.32 24.94
CA MET A 374 2.44 4.21 23.85
C MET A 374 2.00 2.76 23.70
N GLU A 375 0.86 2.56 23.07
CA GLU A 375 0.41 1.23 22.76
C GLU A 375 1.38 0.62 21.74
N HIS A 376 2.23 1.46 21.13
CA HIS A 376 3.24 1.00 20.14
C HIS A 376 4.52 0.67 20.95
N ALA A 377 4.70 -0.58 21.33
CA ALA A 377 5.78 -0.99 22.24
C ALA A 377 7.21 -0.58 21.78
N GLU A 378 7.65 -1.01 20.60
CA GLU A 378 9.02 -0.74 20.20
C GLU A 378 9.29 0.74 20.03
N SER A 379 8.29 1.46 19.52
CA SER A 379 8.43 2.88 19.25
C SER A 379 8.70 3.62 20.54
N SER A 380 8.17 3.04 21.61
CA SER A 380 8.16 3.64 22.93
C SER A 380 9.53 3.52 23.57
N LYS A 381 10.39 2.67 22.99
CA LYS A 381 11.72 2.48 23.51
C LYS A 381 12.64 3.71 23.46
N ILE A 382 12.39 4.62 22.54
CA ILE A 382 13.10 5.88 22.54
C ILE A 382 12.94 6.58 23.90
N ALA A 383 11.70 6.76 24.32
CA ALA A 383 11.43 7.44 25.59
C ALA A 383 11.83 6.62 26.82
N ILE A 384 11.58 5.32 26.78
CA ILE A 384 11.90 4.43 27.89
C ILE A 384 13.40 4.38 28.18
N TYR A 385 14.20 4.24 27.13
CA TYR A 385 15.64 4.28 27.24
C TYR A 385 16.06 5.57 27.92
N SER A 386 15.42 6.66 27.55
CA SER A 386 15.73 7.97 28.08
C SER A 386 15.30 8.15 29.52
N VAL A 387 14.17 7.57 29.88
CA VAL A 387 13.69 7.65 31.24
C VAL A 387 14.60 6.80 32.09
N ALA A 388 15.01 5.66 31.57
CA ALA A 388 15.95 4.83 32.32
C ALA A 388 17.19 5.64 32.68
N SER A 389 17.73 6.40 31.72
CA SER A 389 18.92 7.23 31.90
C SER A 389 18.61 8.34 32.93
N TYR A 390 17.44 8.96 32.82
CA TYR A 390 17.10 10.06 33.72
C TYR A 390 17.02 9.58 35.16
N ALA A 391 16.34 8.45 35.39
CA ALA A 391 15.99 8.01 36.73
C ALA A 391 17.21 7.44 37.46
N TRP A 392 18.10 6.81 36.71
CA TRP A 392 19.35 6.30 37.28
C TRP A 392 20.30 7.44 37.69
N ASN A 393 20.66 8.30 36.74
CA ASN A 393 21.54 9.44 36.94
C ASN A 393 20.95 10.81 36.51
N PRO A 394 20.02 11.34 37.29
CA PRO A 394 19.37 12.59 36.90
C PRO A 394 20.34 13.77 36.75
N ALA A 395 21.33 13.85 37.65
CA ALA A 395 22.22 14.99 37.70
C ALA A 395 22.99 15.14 36.41
N LYS A 396 23.27 14.02 35.75
CA LYS A 396 23.96 14.04 34.48
C LYS A 396 23.02 13.84 33.29
N TYR A 397 21.70 13.93 33.50
CA TYR A 397 20.77 13.65 32.42
C TYR A 397 20.94 14.64 31.25
N ASP A 398 21.15 14.09 30.07
CA ASP A 398 21.33 14.87 28.85
C ASP A 398 20.23 14.54 27.84
N THR A 399 19.21 15.39 27.78
CA THR A 399 18.06 15.17 26.89
C THR A 399 18.44 14.70 25.50
N TRP A 400 19.07 15.59 24.74
CA TRP A 400 19.33 15.33 23.35
C TRP A 400 20.29 14.19 23.08
N GLN A 401 21.40 14.10 23.79
CA GLN A 401 22.39 13.01 23.48
C GLN A 401 21.76 11.64 23.84
N THR A 402 20.87 11.63 24.83
CA THR A 402 20.24 10.36 25.26
C THR A 402 19.21 9.91 24.24
N TRP A 403 18.43 10.87 23.74
CA TRP A 403 17.54 10.65 22.63
C TRP A 403 18.27 10.00 21.47
N LYS A 404 19.38 10.61 21.07
CA LYS A 404 20.18 10.10 19.97
C LYS A 404 20.75 8.74 20.28
N ASP A 405 21.17 8.55 21.52
CA ASP A 405 21.75 7.28 21.93
C ASP A 405 20.71 6.17 21.88
N ALA A 406 19.50 6.49 22.27
CA ALA A 406 18.39 5.54 22.24
C ALA A 406 18.12 5.10 20.81
N ILE A 407 18.04 6.06 19.93
CA ILE A 407 17.74 5.78 18.54
C ILE A 407 18.81 4.87 17.92
N ARG A 408 20.07 5.15 18.24
CA ARG A 408 21.17 4.37 17.71
C ARG A 408 21.23 2.94 18.30
N THR A 409 20.70 2.75 19.50
CA THR A 409 20.66 1.42 20.13
C THR A 409 19.48 0.63 19.54
N ILE A 410 18.37 1.32 19.33
CA ILE A 410 17.20 0.72 18.76
C ILE A 410 17.39 0.33 17.27
N LEU A 411 18.05 1.19 16.48
CA LEU A 411 18.12 0.89 15.06
C LEU A 411 19.48 1.28 14.51
N PRO A 412 20.53 0.64 15.05
CA PRO A 412 21.89 0.91 14.62
C PRO A 412 22.01 1.06 13.09
N SER A 413 21.27 0.24 12.32
CA SER A 413 21.47 0.20 10.85
C SER A 413 20.82 1.39 10.14
N ALA A 414 19.95 2.14 10.80
CA ALA A 414 19.35 3.29 10.14
C ALA A 414 18.99 4.38 11.16
N ALA A 415 19.96 4.69 12.04
CA ALA A 415 19.76 5.64 13.13
C ALA A 415 19.49 7.03 12.63
N GLU A 416 20.21 7.44 11.60
CA GLU A 416 20.01 8.77 11.04
C GLU A 416 18.60 8.92 10.46
N GLU A 417 18.13 7.88 9.77
CA GLU A 417 16.80 7.91 9.18
C GLU A 417 15.73 7.91 10.27
N LEU A 418 15.93 7.09 11.30
CA LEU A 418 14.99 7.13 12.45
C LEU A 418 14.94 8.50 13.15
N GLU A 419 16.11 9.12 13.34
CA GLU A 419 16.18 10.47 13.94
C GLU A 419 15.41 11.49 13.15
N CYS A 420 15.56 11.41 11.82
CA CYS A 420 14.82 12.28 10.92
C CYS A 420 13.31 12.09 11.08
N PHE A 421 12.87 10.83 11.05
CA PHE A 421 11.47 10.54 11.32
C PHE A 421 11.00 11.05 12.72
N ALA A 422 11.79 10.77 13.76
CA ALA A 422 11.41 11.10 15.15
C ALA A 422 11.34 12.60 15.40
N MET A 423 12.30 13.33 14.81
CA MET A 423 12.43 14.79 14.90
CA MET A 423 12.41 14.77 14.94
C MET A 423 11.13 15.49 14.49
N HIS A 424 10.46 14.96 13.47
CA HIS A 424 9.21 15.57 13.01
C HIS A 424 7.99 14.74 13.40
N ASN A 425 8.15 13.88 14.39
CA ASN A 425 7.04 13.11 14.93
C ASN A 425 7.07 13.13 16.44
N SER A 426 6.87 14.31 17.01
CA SER A 426 7.04 14.42 18.45
C SER A 426 6.03 15.30 19.18
N ASP A 427 5.38 16.21 18.47
CA ASP A 427 4.32 17.02 19.11
C ASP A 427 3.03 16.18 19.17
N LEU A 428 2.10 16.60 20.04
CA LEU A 428 0.84 15.91 20.20
C LEU A 428 -0.32 16.51 19.38
N GLY A 429 -0.16 17.75 18.92
CA GLY A 429 -1.26 18.51 18.37
C GLY A 429 -2.15 19.06 19.47
N PRO A 430 -3.07 19.97 19.13
CA PRO A 430 -3.94 20.48 20.20
C PRO A 430 -4.72 19.34 20.87
N ASN A 431 -4.89 19.42 22.18
CA ASN A 431 -5.60 18.37 22.96
C ASN A 431 -6.28 18.90 24.22
N GLY A 432 -7.15 18.06 24.80
CA GLY A 432 -7.97 18.54 25.95
C GLY A 432 -7.03 18.75 27.13
N HIS A 433 -5.86 18.09 27.11
CA HIS A 433 -4.95 18.21 28.23
C HIS A 433 -3.94 19.34 28.11
N GLY A 434 -3.86 19.98 26.94
CA GLY A 434 -3.00 21.18 26.73
C GLY A 434 -1.52 20.83 26.78
N TYR A 435 -1.17 19.57 26.62
CA TYR A 435 0.23 19.16 26.74
C TYR A 435 0.83 19.05 25.34
N ARG A 436 1.98 19.69 25.16
CA ARG A 436 2.62 19.78 23.88
C ARG A 436 4.13 19.43 23.99
N ARG A 437 4.73 19.11 22.86
CA ARG A 437 6.16 18.91 22.80
C ARG A 437 6.71 19.71 21.63
N GLU A 438 8.00 20.00 21.67
CA GLU A 438 8.67 20.69 20.58
C GLU A 438 8.77 19.73 19.39
N GLU A 439 8.84 20.30 18.19
CA GLU A 439 9.01 19.49 16.96
C GLU A 439 9.61 20.32 15.85
N SER A 440 10.51 19.72 15.04
CA SER A 440 11.07 20.36 13.83
C SER A 440 11.71 21.73 14.12
N MET A 441 12.26 21.88 15.32
CA MET A 441 12.75 23.17 15.78
C MET A 441 13.94 23.67 14.97
N ASP A 442 14.75 22.73 14.48
CA ASP A 442 15.86 23.06 13.58
CA ASP A 442 15.83 23.01 13.53
C ASP A 442 15.40 23.85 12.34
N ILE A 443 14.40 23.37 11.59
CA ILE A 443 13.95 24.09 10.40
C ILE A 443 12.94 25.20 10.68
N GLN A 444 12.47 25.32 11.91
CA GLN A 444 11.49 26.34 12.26
C GLN A 444 11.91 27.75 11.78
N PRO A 445 13.18 28.17 12.06
CA PRO A 445 13.56 29.54 11.64
C PRO A 445 13.41 29.78 10.15
N ALA A 446 13.89 28.85 9.34
CA ALA A 446 13.80 29.01 7.90
C ALA A 446 12.35 28.99 7.45
N ALA A 447 11.54 28.20 8.13
CA ALA A 447 10.14 28.09 7.81
C ALA A 447 9.42 29.40 8.01
N GLU A 448 9.55 29.97 9.20
CA GLU A 448 8.81 31.18 9.54
C GLU A 448 9.22 32.36 8.67
N ARG A 449 10.49 32.42 8.31
CA ARG A 449 11.00 33.48 7.47
C ARG A 449 10.45 33.35 6.06
N PHE A 450 10.44 32.12 5.57
CA PHE A 450 9.92 31.82 4.26
C PHE A 450 8.48 32.28 4.19
N LEU A 451 7.69 31.83 5.15
CA LEU A 451 6.27 32.15 5.18
C LEU A 451 6.00 33.64 5.21
N LYS A 452 6.62 34.34 6.14
CA LYS A 452 6.33 35.75 6.33
C LYS A 452 6.79 36.65 5.21
N ALA A 453 7.77 36.21 4.43
CA ALA A 453 8.15 36.94 3.22
C ALA A 453 7.00 36.92 2.21
N PHE A 454 6.25 35.83 2.18
CA PHE A 454 5.04 35.74 1.37
C PHE A 454 3.90 36.59 1.88
N LYS A 455 3.44 36.30 3.10
CA LYS A 455 2.31 37.00 3.74
C LYS A 455 2.47 38.54 3.75
N GLU A 456 3.69 39.00 4.04
CA GLU A 456 3.99 40.42 4.03
C GLU A 456 4.13 40.92 2.60
N GLY A 457 4.89 40.19 1.78
CA GLY A 457 5.00 40.49 0.37
C GLY A 457 6.41 40.45 -0.19
N ASN A 459 10.45 39.25 -0.95
CA ASN A 459 11.09 38.06 -1.51
C ASN A 459 11.51 37.08 -0.43
N TYR A 460 11.88 35.88 -0.83
CA TYR A 460 12.35 34.88 0.12
C TYR A 460 13.82 34.58 -0.10
N ASP A 461 14.46 34.03 0.92
CA ASP A 461 15.88 33.76 0.93
C ASP A 461 16.22 32.45 0.25
N LYS A 462 16.94 32.52 -0.85
CA LYS A 462 17.30 31.31 -1.58
C LYS A 462 17.78 30.21 -0.65
N ALA A 463 18.23 30.57 0.53
CA ALA A 463 18.80 29.59 1.45
C ALA A 463 17.73 28.87 2.23
N ASP A 464 16.69 29.59 2.60
CA ASP A 464 15.57 29.00 3.31
C ASP A 464 14.81 28.05 2.40
N PHE A 465 14.59 28.47 1.17
CA PHE A 465 13.99 27.63 0.16
C PHE A 465 14.77 26.33 0.05
N GLU A 466 16.09 26.42 -0.03
CA GLU A 466 16.92 25.24 -0.12
C GLU A 466 16.89 24.38 1.14
N THR A 467 16.76 25.00 2.30
CA THR A 467 16.75 24.27 3.57
C THR A 467 15.52 23.39 3.49
N LEU A 468 14.42 24.01 3.08
CA LEU A 468 13.14 23.29 3.00
C LEU A 468 13.19 22.13 2.03
N GLN A 469 13.72 22.40 0.84
CA GLN A 469 13.98 21.38 -0.15
C GLN A 469 14.81 20.23 0.38
N TYR A 470 15.97 20.54 0.99
CA TYR A 470 16.82 19.57 1.67
C TYR A 470 16.04 18.66 2.66
N THR A 471 15.20 19.29 3.47
CA THR A 471 14.42 18.63 4.49
C THR A 471 13.46 17.60 3.85
N PHE A 472 12.71 18.03 2.84
CA PHE A 472 11.78 17.15 2.16
C PHE A 472 12.51 15.97 1.55
N GLU A 473 13.68 16.21 1.00
CA GLU A 473 14.46 15.12 0.40
C GLU A 473 14.95 14.12 1.45
N ARG A 474 15.24 14.62 2.65
CA ARG A 474 15.77 13.77 3.70
C ARG A 474 14.65 12.92 4.24
N MET A 475 13.50 13.57 4.38
CA MET A 475 12.28 12.91 4.82
C MET A 475 11.95 11.78 3.87
N LYS A 476 12.15 12.02 2.56
CA LYS A 476 11.85 10.94 1.62
C LYS A 476 12.81 9.77 1.73
N GLU A 477 14.10 10.05 1.79
CA GLU A 477 15.13 9.00 2.00
C GLU A 477 14.87 8.14 3.23
N SER A 478 14.55 8.82 4.31
CA SER A 478 14.29 8.20 5.61
C SER A 478 13.04 7.35 5.61
N ALA A 479 11.93 7.88 5.08
CA ALA A 479 10.73 7.04 4.90
C ALA A 479 11.02 5.72 4.15
N ASP A 480 11.71 5.79 3.02
CA ASP A 480 11.87 4.61 2.20
C ASP A 480 12.85 3.64 2.82
N ILE A 481 13.85 4.17 3.53
CA ILE A 481 14.81 3.31 4.20
C ILE A 481 14.12 2.64 5.41
N LEU A 482 13.29 3.40 6.15
CA LEU A 482 12.61 2.82 7.29
C LEU A 482 11.65 1.69 6.90
N LEU A 483 10.84 1.89 5.85
CA LEU A 483 9.89 0.87 5.34
C LEU A 483 10.55 -0.45 5.13
N MET A 484 11.75 -0.42 4.61
CA MET A 484 12.42 -1.67 4.17
C MET A 484 13.39 -2.26 5.19
N ASN A 485 13.48 -1.61 6.34
CA ASN A 485 14.43 -2.03 7.36
C ASN A 485 13.99 -3.37 8.00
N THR A 486 14.88 -4.34 8.03
CA THR A 486 14.57 -5.66 8.59
C THR A 486 15.31 -6.00 9.89
N GLU A 487 15.89 -4.98 10.54
CA GLU A 487 16.66 -5.21 11.77
C GLU A 487 15.71 -5.19 12.97
N ASN A 488 14.75 -4.29 12.90
CA ASN A 488 13.69 -4.29 13.86
C ASN A 488 12.30 -4.22 13.18
N LYS A 489 11.91 -5.37 12.67
CA LYS A 489 10.60 -5.55 12.02
C LYS A 489 9.43 -5.04 12.86
N PRO A 490 9.38 -5.40 14.17
CA PRO A 490 8.20 -4.99 14.90
C PRO A 490 8.07 -3.49 14.96
N LEU A 491 9.19 -2.80 15.11
CA LEU A 491 9.18 -1.35 15.15
C LEU A 491 8.64 -0.80 13.83
N ILE A 492 9.13 -1.34 12.73
CA ILE A 492 8.72 -0.93 11.37
C ILE A 492 7.22 -1.18 11.18
N VAL A 493 6.75 -2.37 11.60
CA VAL A 493 5.32 -2.65 11.50
C VAL A 493 4.54 -1.59 12.28
N GLU A 494 5.03 -1.22 13.46
CA GLU A 494 4.25 -0.19 14.23
C GLU A 494 4.18 1.16 13.52
N ILE A 495 5.25 1.57 12.86
CA ILE A 495 5.33 2.94 12.34
C ILE A 495 4.97 3.10 10.86
N THR A 496 4.80 2.00 10.17
CA THR A 496 4.61 2.03 8.72
C THR A 496 3.53 3.02 8.25
N PRO A 497 2.36 3.02 8.87
CA PRO A 497 1.31 3.95 8.46
C PRO A 497 1.79 5.38 8.50
N TRP A 498 2.50 5.76 9.55
CA TRP A 498 3.03 7.11 9.67
C TRP A 498 4.19 7.32 8.72
N VAL A 499 5.01 6.30 8.52
CA VAL A 499 6.03 6.39 7.50
C VAL A 499 5.47 6.72 6.09
N HIS A 500 4.44 5.98 5.63
CA HIS A 500 3.78 6.28 4.33
C HIS A 500 3.30 7.74 4.31
N GLN A 501 2.67 8.17 5.38
CA GLN A 501 2.08 9.52 5.46
C GLN A 501 3.17 10.61 5.49
N PHE A 502 4.31 10.28 6.11
CA PHE A 502 5.44 11.18 6.25
C PHE A 502 6.11 11.32 4.90
N LYS A 503 6.25 10.21 4.16
CA LYS A 503 6.65 10.30 2.75
C LYS A 503 5.72 11.17 1.91
N LEU A 504 4.39 11.06 2.11
CA LEU A 504 3.49 11.84 1.27
C LEU A 504 3.64 13.33 1.55
N THR A 505 3.83 13.66 2.83
CA THR A 505 3.99 15.04 3.29
C THR A 505 5.24 15.63 2.60
N ALA A 506 6.34 14.88 2.61
CA ALA A 506 7.57 15.28 1.97
C ALA A 506 7.38 15.52 0.45
N GLU A 507 6.77 14.54 -0.25
CA GLU A 507 6.42 14.70 -1.69
C GLU A 507 5.56 15.91 -1.94
N MET A 508 4.55 16.13 -1.09
CA MET A 508 3.68 17.28 -1.27
C MET A 508 4.51 18.56 -1.17
N GLY A 509 5.46 18.54 -0.21
CA GLY A 509 6.41 19.64 -0.02
C GLY A 509 7.22 19.98 -1.25
N GLU A 510 7.88 18.98 -1.86
CA GLU A 510 8.57 19.19 -3.13
C GLU A 510 7.71 19.84 -4.22
N GLU A 511 6.45 19.40 -4.33
CA GLU A 511 5.59 19.80 -5.42
C GLU A 511 5.08 21.22 -5.23
N VAL A 512 4.81 21.57 -3.97
CA VAL A 512 4.45 22.95 -3.59
C VAL A 512 5.62 23.92 -3.84
N LEU A 513 6.84 23.51 -3.49
CA LEU A 513 8.00 24.39 -3.76
C LEU A 513 8.23 24.61 -5.26
N LYS A 514 7.91 23.60 -6.08
CA LYS A 514 8.02 23.73 -7.53
C LYS A 514 6.96 24.67 -8.01
N MET A 515 5.84 24.71 -7.29
CA MET A 515 4.76 25.64 -7.60
C MET A 515 5.19 27.08 -7.33
N VAL A 516 5.96 27.26 -6.25
CA VAL A 516 6.58 28.55 -5.91
C VAL A 516 7.58 28.97 -7.01
N GLU A 517 8.41 28.04 -7.45
CA GLU A 517 9.21 28.24 -8.65
C GLU A 517 8.32 28.10 -9.88
N ARG A 519 7.16 28.20 -13.00
CA ARG A 519 7.87 28.93 -14.05
C ARG A 519 6.98 29.43 -15.19
N ASN A 520 6.09 28.55 -15.65
CA ASN A 520 5.11 28.87 -16.67
C ASN A 520 3.79 28.22 -16.31
N GLU A 521 2.74 28.67 -16.99
CA GLU A 521 1.36 28.33 -16.66
C GLU A 521 1.08 26.84 -16.60
N SER A 522 1.50 26.10 -17.63
CA SER A 522 1.17 24.69 -17.66
C SER A 522 1.98 23.86 -16.66
N TYR A 523 3.21 24.30 -16.37
CA TYR A 523 4.02 23.67 -15.35
C TYR A 523 3.39 23.89 -13.98
N PHE A 524 2.97 25.12 -13.68
CA PHE A 524 2.24 25.36 -12.44
C PHE A 524 1.09 24.35 -12.29
N LEU A 525 0.26 24.23 -13.32
CA LEU A 525 -0.95 23.39 -13.30
C LEU A 525 -0.66 21.90 -13.10
N ARG A 526 0.37 21.38 -13.78
CA ARG A 526 0.87 20.02 -13.52
C ARG A 526 1.23 19.83 -12.04
N LYS A 527 1.90 20.83 -11.45
CA LYS A 527 2.30 20.71 -10.04
C LYS A 527 1.08 20.77 -9.15
N TYR A 528 0.17 21.70 -9.43
CA TYR A 528 -1.06 21.80 -8.67
C TYR A 528 -1.90 20.52 -8.71
N ASN A 529 -2.01 19.88 -9.89
CA ASN A 529 -2.77 18.63 -10.03
C ASN A 529 -2.12 17.50 -9.24
N HIS A 530 -0.79 17.43 -9.31
CA HIS A 530 -0.04 16.48 -8.52
C HIS A 530 -0.27 16.68 -7.02
N VAL A 531 -0.26 17.93 -6.57
CA VAL A 531 -0.54 18.20 -5.15
C VAL A 531 -1.95 17.71 -4.75
N LYS A 532 -2.95 17.98 -5.57
CA LYS A 532 -4.34 17.56 -5.30
C LYS A 532 -4.44 16.05 -5.12
N ALA A 533 -3.72 15.30 -5.96
CA ALA A 533 -3.66 13.86 -5.87
C ALA A 533 -2.97 13.39 -4.59
N LEU A 534 -1.93 14.10 -4.16
CA LEU A 534 -1.20 13.75 -2.92
C LEU A 534 -2.04 14.05 -1.69
N GLN A 535 -2.87 15.08 -1.75
CA GLN A 535 -3.83 15.37 -0.70
C GLN A 535 -4.86 14.23 -0.57
N GLN A 536 -5.31 13.69 -1.72
CA GLN A 536 -6.26 12.62 -1.68
C GLN A 536 -5.60 11.39 -1.12
N GLN A 537 -4.36 11.13 -1.52
CA GLN A 537 -3.68 9.93 -0.96
C GLN A 537 -3.58 9.96 0.58
N MET A 538 -3.34 11.15 1.10
CA MET A 538 -3.19 11.37 2.54
C MET A 538 -4.50 11.17 3.28
N PHE A 539 -5.59 11.69 2.70
CA PHE A 539 -6.92 11.39 3.19
C PHE A 539 -7.17 9.88 3.23
N TYR A 540 -6.83 9.17 2.15
CA TYR A 540 -7.03 7.73 2.11
C TYR A 540 -6.33 7.00 3.26
N ILE A 541 -5.03 7.28 3.46
CA ILE A 541 -4.31 6.75 4.62
C ILE A 541 -4.98 7.11 5.96
N ASP A 542 -5.42 8.34 6.08
CA ASP A 542 -6.08 8.87 7.29
C ASP A 542 -7.48 8.27 7.53
N GLN A 543 -8.07 7.65 6.50
CA GLN A 543 -9.36 7.01 6.65
C GLN A 543 -9.26 5.49 6.72
N THR A 544 -8.10 4.93 6.44
CA THR A 544 -8.01 3.48 6.40
C THR A 544 -7.00 2.87 7.38
N SER A 545 -6.04 3.68 7.87
CA SER A 545 -5.09 3.19 8.88
C SER A 545 -5.47 3.64 10.27
N ASN A 546 -5.15 2.82 11.26
CA ASN A 546 -5.30 3.25 12.65
C ASN A 546 -6.73 3.73 12.93
N GLN A 547 -7.70 3.01 12.41
CA GLN A 547 -9.12 3.37 12.68
C GLN A 547 -9.58 2.93 14.09
N ASN A 548 -9.42 3.80 15.07
CA ASN A 548 -9.89 3.54 16.42
C ASN A 548 -11.02 4.54 16.68
N PRO A 549 -11.80 4.33 17.76
CA PRO A 549 -12.98 5.18 18.01
C PRO A 549 -12.70 6.57 18.51
N TYR A 550 -11.45 6.91 18.82
CA TYR A 550 -11.24 8.16 19.60
C TYR A 550 -10.59 9.26 18.75
N GLN A 551 -9.48 8.92 18.12
CA GLN A 551 -8.76 9.82 17.24
C GLN A 551 -8.24 8.92 16.16
N PRO A 552 -9.10 8.55 15.18
CA PRO A 552 -8.68 7.70 14.07
C PRO A 552 -7.69 8.45 13.19
N GLY A 553 -6.91 7.69 12.46
CA GLY A 553 -6.08 8.27 11.45
C GLY A 553 -4.57 8.34 11.76
N VAL A 554 -3.88 9.13 10.95
CA VAL A 554 -2.44 9.17 10.93
C VAL A 554 -2.02 10.58 10.61
N LYS A 555 -1.59 11.30 11.65
CA LYS A 555 -1.13 12.68 11.48
C LYS A 555 0.38 12.60 11.67
N THR A 556 1.12 13.47 10.96
CA THR A 556 2.59 13.41 10.97
C THR A 556 3.14 14.78 10.63
N ALA A 557 4.30 15.14 11.20
CA ALA A 557 4.97 16.44 10.97
C ALA A 557 3.97 17.60 11.09
N THR A 558 3.14 17.53 12.10
CA THR A 558 2.03 18.49 12.24
C THR A 558 2.36 19.85 12.79
N ARG A 559 3.51 20.01 13.47
CA ARG A 559 3.74 21.28 14.16
C ARG A 559 4.23 22.41 13.27
N VAL A 560 5.14 22.07 12.37
CA VAL A 560 5.79 23.07 11.55
C VAL A 560 5.62 22.72 10.08
N ILE A 561 5.96 21.49 9.70
CA ILE A 561 6.03 21.13 8.30
C ILE A 561 4.70 21.15 7.53
N LYS A 562 3.69 20.44 8.04
CA LYS A 562 2.41 20.41 7.36
C LYS A 562 1.80 21.79 7.22
N PRO A 563 1.76 22.57 8.31
CA PRO A 563 1.18 23.90 8.22
C PRO A 563 1.93 24.78 7.24
N LEU A 564 3.24 24.61 7.15
CA LEU A 564 4.04 25.38 6.20
C LEU A 564 3.64 25.05 4.76
N ILE A 565 3.60 23.76 4.46
CA ILE A 565 3.21 23.27 3.14
C ILE A 565 1.80 23.75 2.75
N ASP A 566 0.86 23.58 3.67
CA ASP A 566 -0.50 23.93 3.40
C ASP A 566 -0.66 25.44 3.19
N ARG A 567 0.04 26.25 3.97
CA ARG A 567 -0.07 27.70 3.78
C ARG A 567 0.64 28.15 2.50
N THR A 568 1.72 27.49 2.14
CA THR A 568 2.45 27.82 0.94
C THR A 568 1.58 27.45 -0.31
N PHE A 569 0.89 26.30 -0.26
CA PHE A 569 -0.05 25.92 -1.30
C PHE A 569 -1.15 26.99 -1.50
N ALA A 570 -1.90 27.25 -0.43
CA ALA A 570 -3.00 28.24 -0.51
C ALA A 570 -2.58 29.59 -1.02
N THR A 571 -1.37 30.03 -0.63
CA THR A 571 -0.90 31.39 -0.95
C THR A 571 -0.59 31.51 -2.43
N VAL A 572 0.14 30.55 -2.95
CA VAL A 572 0.53 30.57 -4.36
C VAL A 572 -0.66 30.28 -5.31
N VAL A 573 -1.63 29.50 -4.85
CA VAL A 573 -2.89 29.32 -5.54
C VAL A 573 -3.66 30.64 -5.54
N LYS A 574 -3.62 31.39 -4.44
CA LYS A 574 -4.25 32.71 -4.48
C LYS A 574 -3.55 33.57 -5.54
N PHE A 575 -2.23 33.50 -5.58
CA PHE A 575 -1.47 34.36 -6.49
C PHE A 575 -1.70 33.98 -7.94
N PHE A 576 -1.72 32.69 -8.23
CA PHE A 576 -2.02 32.19 -9.57
C PHE A 576 -3.43 32.62 -10.05
N ASN A 577 -4.42 32.46 -9.17
CA ASN A 577 -5.79 32.92 -9.44
C ASN A 577 -5.89 34.40 -9.71
N GLN A 578 -5.09 35.21 -9.02
CA GLN A 578 -5.10 36.66 -9.22
C GLN A 578 -4.46 37.00 -10.57
N LYS A 579 -3.35 36.31 -10.85
CA LYS A 579 -2.50 36.54 -12.01
C LYS A 579 -3.18 36.09 -13.32
N PHE A 580 -3.66 34.86 -13.38
CA PHE A 580 -4.29 34.36 -14.58
C PHE A 580 -5.81 34.40 -14.54
N ASN A 581 -6.37 35.22 -13.65
CA ASN A 581 -7.82 35.35 -13.52
C ASN A 581 -8.52 33.99 -13.49
N ALA A 582 -7.94 33.05 -12.73
CA ALA A 582 -8.41 31.66 -12.67
C ALA A 582 -9.14 31.39 -11.35
N HIS A 583 -9.62 30.15 -11.18
CA HIS A 583 -10.48 29.82 -10.03
C HIS A 583 -10.10 28.51 -9.37
N LEU A 584 -8.81 28.26 -9.27
CA LEU A 584 -8.27 27.07 -8.66
C LEU A 584 -8.69 26.99 -7.21
N ASP A 585 -8.97 25.77 -6.75
CA ASP A 585 -9.38 25.53 -5.39
C ASP A 585 -8.12 25.49 -4.51
N ALA A 586 -8.14 26.36 -3.49
CA ALA A 586 -7.03 26.55 -2.54
C ALA A 586 -7.08 25.66 -1.28
N THR A 587 -8.13 24.87 -1.13
CA THR A 587 -8.26 24.08 0.09
C THR A 587 -7.20 22.97 0.08
N THR A 588 -6.79 22.52 1.27
CA THR A 588 -5.57 21.74 1.45
C THR A 588 -5.85 20.34 2.00
N ASP A 589 -7.01 20.18 2.61
CA ASP A 589 -7.41 18.84 3.05
C ASP A 589 -8.48 18.31 2.11
N TYR A 590 -8.18 17.17 1.49
CA TYR A 590 -9.09 16.57 0.54
C TYR A 590 -10.37 16.20 1.26
N MET A 591 -11.51 16.54 0.67
CA MET A 591 -12.78 16.16 1.21
C MET A 591 -13.72 15.74 0.07
N PRO A 592 -14.11 14.45 0.02
CA PRO A 592 -15.00 13.97 -1.05
C PRO A 592 -16.44 14.51 -1.00
N HIS A 593 -16.91 14.89 0.19
CA HIS A 593 -18.28 15.39 0.38
C HIS A 593 -18.29 16.93 0.34
N LYS A 594 -19.42 17.55 -0.07
CA LYS A 594 -19.52 19.02 -0.30
C LYS A 594 -20.54 19.79 0.54
N MET A 595 -20.43 21.12 0.49
CA MET A 595 -21.40 22.06 1.08
C MET A 595 -21.70 23.26 0.14
N PRO A 606 -16.20 23.67 6.81
CA PRO A 606 -15.14 22.64 6.76
C PRO A 606 -15.64 21.25 7.19
N LEU A 607 -15.85 20.34 6.24
CA LEU A 607 -16.38 19.01 6.58
C LEU A 607 -15.30 18.08 7.08
N GLN A 608 -15.67 17.14 7.94
CA GLN A 608 -14.74 16.16 8.48
C GLN A 608 -15.33 14.77 8.38
N VAL A 609 -14.48 13.78 8.13
CA VAL A 609 -14.92 12.40 8.05
C VAL A 609 -14.22 11.58 9.12
N LYS A 610 -14.99 11.08 10.08
CA LYS A 610 -14.46 10.20 11.10
C LYS A 610 -15.24 8.90 11.12
N ALA A 611 -14.56 7.80 10.83
CA ALA A 611 -15.22 6.53 10.68
C ALA A 611 -16.40 6.71 9.75
N ASN A 612 -17.58 6.27 10.18
CA ASN A 612 -18.78 6.39 9.36
C ASN A 612 -19.56 7.66 9.64
N ARG A 613 -18.90 8.69 10.15
CA ARG A 613 -19.57 9.95 10.42
C ARG A 613 -19.18 11.04 9.44
N VAL A 614 -20.07 11.99 9.24
CA VAL A 614 -19.76 13.17 8.46
C VAL A 614 -20.28 14.35 9.26
N LEU A 615 -19.38 15.23 9.67
CA LEU A 615 -19.73 16.29 10.59
C LEU A 615 -19.22 17.64 10.14
N ILE A 616 -19.96 18.69 10.49
CA ILE A 616 -19.49 20.03 10.25
C ILE A 616 -18.59 20.38 11.42
N SER A 617 -17.44 20.93 11.12
CA SER A 617 -16.55 21.38 12.17
C SER A 617 -17.29 22.40 13.00
N PRO A 618 -17.50 22.09 14.26
CA PRO A 618 -18.27 22.96 15.16
C PRO A 618 -17.63 24.34 15.28
N VAL A 631 -26.17 24.92 5.22
CA VAL A 631 -27.56 24.67 4.85
C VAL A 631 -27.62 23.28 4.21
N GLU A 632 -26.63 22.92 3.40
CA GLU A 632 -26.71 21.67 2.64
C GLU A 632 -25.42 20.86 2.52
N ILE A 633 -25.57 19.55 2.72
CA ILE A 633 -24.48 18.60 2.57
C ILE A 633 -24.79 17.61 1.46
N GLU A 634 -23.89 17.51 0.49
CA GLU A 634 -24.01 16.53 -0.57
C GLU A 634 -22.90 15.45 -0.42
N LEU A 635 -23.30 14.23 -0.04
CA LEU A 635 -22.34 13.11 0.04
C LEU A 635 -21.89 12.73 -1.37
N ASP A 636 -20.78 12.00 -1.48
CA ASP A 636 -20.21 11.67 -2.78
C ASP A 636 -20.96 10.52 -3.46
N ALA A 637 -21.94 9.98 -2.73
CA ALA A 637 -22.75 8.84 -3.17
C ALA A 637 -24.00 8.71 -2.29
N ILE A 638 -24.92 7.85 -2.69
CA ILE A 638 -26.07 7.49 -1.86
C ILE A 638 -25.65 6.40 -0.85
N TYR A 639 -25.85 6.68 0.44
CA TYR A 639 -25.56 5.70 1.50
C TYR A 639 -26.81 5.46 2.35
N PRO A 640 -26.91 4.28 3.01
CA PRO A 640 -27.94 4.06 4.04
C PRO A 640 -27.68 4.94 5.27
N GLY A 641 -28.49 5.97 5.45
CA GLY A 641 -28.29 6.88 6.57
C GLY A 641 -28.74 6.23 7.86
N GLU A 642 -28.10 6.59 8.96
CA GLU A 642 -28.47 5.98 10.22
C GLU A 642 -29.09 6.91 11.25
N ASN A 643 -28.50 8.10 11.39
CA ASN A 643 -28.99 9.11 12.33
C ASN A 643 -28.24 10.46 12.28
N ILE A 644 -28.85 11.51 12.83
CA ILE A 644 -28.22 12.82 12.90
C ILE A 644 -28.23 13.40 14.33
N GLN A 645 -27.04 13.73 14.85
CA GLN A 645 -26.89 14.52 16.09
C GLN A 645 -26.49 15.96 15.77
N ILE A 646 -27.22 16.90 16.35
CA ILE A 646 -26.99 18.33 16.17
C ILE A 646 -27.12 18.95 17.57
N LEU A 680 -31.20 16.87 20.64
CA LEU A 680 -31.52 16.92 19.21
C LEU A 680 -30.90 15.77 18.39
N SER A 681 -31.75 14.87 17.92
CA SER A 681 -31.32 13.67 17.21
C SER A 681 -32.51 12.98 16.50
N ALA A 682 -32.19 12.08 15.57
CA ALA A 682 -33.21 11.28 14.91
C ALA A 682 -32.58 9.99 14.41
N GLY A 683 -33.28 8.87 14.56
CA GLY A 683 -32.88 7.64 13.87
C GLY A 683 -33.27 7.85 12.44
N LEU A 684 -32.45 7.39 11.51
CA LEU A 684 -32.81 7.47 10.09
C LEU A 684 -33.25 6.13 9.53
N GLN A 685 -33.07 5.07 10.33
CA GLN A 685 -33.58 3.72 10.04
C GLN A 685 -33.16 3.20 8.67
N LYS A 686 -31.90 3.45 8.30
CA LYS A 686 -31.31 2.96 7.05
C LYS A 686 -31.82 3.66 5.77
N ALA A 687 -32.53 4.78 5.92
CA ALA A 687 -33.10 5.49 4.77
C ALA A 687 -31.95 6.01 3.88
N PRO A 688 -32.09 5.87 2.54
CA PRO A 688 -31.01 6.29 1.64
C PRO A 688 -30.89 7.81 1.60
N VAL A 689 -29.66 8.31 1.67
CA VAL A 689 -29.41 9.73 1.64
C VAL A 689 -28.14 10.02 0.83
N LYS A 690 -28.26 11.02 -0.05
CA LYS A 690 -27.10 11.64 -0.69
C LYS A 690 -27.04 13.09 -0.20
N PHE A 691 -28.21 13.71 -0.16
CA PHE A 691 -28.36 15.10 0.22
C PHE A 691 -29.00 15.24 1.62
N VAL A 692 -28.49 16.19 2.40
CA VAL A 692 -29.07 16.53 3.71
C VAL A 692 -29.33 18.03 3.72
N PHE A 709 -23.29 19.05 14.78
CA PHE A 709 -23.80 18.58 13.49
C PHE A 709 -23.08 17.37 12.88
N VAL A 710 -23.54 16.15 13.21
CA VAL A 710 -22.94 14.91 12.71
C VAL A 710 -24.01 14.01 12.04
N LEU A 711 -23.67 13.50 10.86
CA LEU A 711 -24.49 12.49 10.17
C LEU A 711 -23.76 11.17 10.27
N THR A 712 -24.48 10.11 10.61
CA THR A 712 -23.92 8.76 10.61
C THR A 712 -24.56 7.92 9.51
N ILE A 713 -23.74 7.25 8.71
CA ILE A 713 -24.18 6.46 7.58
C ILE A 713 -23.64 5.05 7.79
N GLU A 714 -23.99 4.12 6.90
CA GLU A 714 -23.38 2.79 6.92
C GLU A 714 -22.26 2.80 5.86
N LYS A 715 -21.00 2.77 6.31
CA LYS A 715 -19.85 2.97 5.40
C LYS A 715 -19.06 1.68 5.26
N SER B 4 -13.51 15.18 -35.29
CA SER B 4 -12.80 13.85 -35.19
C SER B 4 -13.77 12.67 -35.05
N LEU B 5 -13.51 11.57 -35.79
CA LEU B 5 -14.43 10.44 -35.86
C LEU B 5 -13.73 9.08 -35.79
N GLN B 6 -14.22 8.22 -34.91
CA GLN B 6 -13.66 6.85 -34.82
C GLN B 6 -14.80 5.85 -34.84
N PRO B 7 -14.73 4.84 -35.73
CA PRO B 7 -13.79 4.79 -36.83
C PRO B 7 -14.01 5.97 -37.83
N PRO B 8 -12.97 6.34 -38.58
CA PRO B 8 -13.17 7.38 -39.59
C PRO B 8 -14.06 6.88 -40.78
N PRO B 9 -15.05 7.70 -41.20
CA PRO B 9 -15.89 7.28 -42.32
C PRO B 9 -15.14 7.07 -43.63
N GLN B 10 -15.68 6.18 -44.46
CA GLN B 10 -15.19 5.99 -45.82
C GLN B 10 -15.13 7.31 -46.64
N GLN B 11 -16.13 8.15 -46.48
CA GLN B 11 -16.17 9.39 -47.24
C GLN B 11 -16.79 10.43 -46.35
N LEU B 12 -16.21 11.61 -46.40
CA LEU B 12 -16.62 12.66 -45.51
C LEU B 12 -16.40 13.96 -46.26
N ILE B 13 -17.40 14.82 -46.28
CA ILE B 13 -17.28 16.16 -46.86
C ILE B 13 -17.82 17.14 -45.82
N VAL B 14 -16.96 18.03 -45.35
CA VAL B 14 -17.33 18.93 -44.29
C VAL B 14 -17.24 20.37 -44.76
N GLN B 15 -18.05 21.25 -44.18
CA GLN B 15 -17.98 22.69 -44.47
C GLN B 15 -17.19 23.46 -43.40
N ASN B 16 -17.28 24.78 -43.45
CA ASN B 16 -16.81 25.63 -42.36
C ASN B 16 -17.93 25.83 -41.36
N LYS B 17 -19.15 25.54 -41.78
CA LYS B 17 -20.35 25.88 -41.01
C LYS B 17 -20.74 24.89 -39.91
N THR B 18 -21.36 25.45 -38.88
CA THR B 18 -21.93 24.71 -37.75
C THR B 18 -23.39 25.08 -37.55
N ILE B 19 -24.16 24.14 -36.99
CA ILE B 19 -25.59 24.28 -36.80
C ILE B 19 -25.96 23.98 -35.34
N ASP B 20 -26.86 24.80 -34.77
CA ASP B 20 -27.42 24.53 -33.45
C ASP B 20 -28.34 23.32 -33.52
N LEU B 21 -28.14 22.35 -32.63
CA LEU B 21 -29.06 21.21 -32.47
C LEU B 21 -30.46 21.73 -32.17
N PRO B 22 -31.48 21.26 -32.92
CA PRO B 22 -32.85 21.83 -32.87
C PRO B 22 -33.57 21.75 -31.52
N ALA B 23 -33.97 22.91 -30.98
CA ALA B 23 -34.85 22.99 -29.81
C ALA B 23 -36.22 22.42 -30.17
N VAL B 24 -36.74 22.89 -31.30
CA VAL B 24 -37.93 22.36 -31.94
C VAL B 24 -37.51 21.59 -33.20
N TYR B 25 -38.13 20.42 -33.41
CA TYR B 25 -37.77 19.55 -34.51
C TYR B 25 -38.92 18.62 -34.91
N GLN B 26 -39.00 18.30 -36.19
CA GLN B 26 -39.91 17.27 -36.66
C GLN B 26 -39.16 15.99 -36.93
N LEU B 27 -39.50 14.93 -36.18
CA LEU B 27 -38.92 13.60 -36.47
C LEU B 27 -39.79 12.81 -37.45
N ASN B 28 -39.13 12.19 -38.42
CA ASN B 28 -39.80 11.49 -39.48
C ASN B 28 -39.17 10.12 -39.65
N GLY B 29 -39.96 9.05 -39.51
CA GLY B 29 -39.44 7.68 -39.60
C GLY B 29 -39.20 6.98 -38.27
N GLY B 30 -39.61 7.64 -37.18
CA GLY B 30 -39.44 7.15 -35.80
C GLY B 30 -40.03 5.78 -35.57
N GLU B 31 -41.27 5.60 -36.02
CA GLU B 31 -41.99 4.34 -35.85
C GLU B 31 -41.42 3.22 -36.76
N GLU B 32 -40.66 3.59 -37.80
CA GLU B 32 -40.28 2.60 -38.81
C GLU B 32 -38.80 2.22 -38.76
N ALA B 33 -37.97 3.11 -38.21
CA ALA B 33 -36.52 2.87 -38.16
C ALA B 33 -36.11 1.83 -37.08
N ASN B 34 -34.95 1.19 -37.26
CA ASN B 34 -34.37 0.34 -36.21
C ASN B 34 -34.58 0.97 -34.81
N PRO B 35 -35.34 0.30 -33.92
CA PRO B 35 -35.65 0.94 -32.60
C PRO B 35 -34.40 1.27 -31.75
N HIS B 36 -33.33 0.48 -31.90
CA HIS B 36 -32.10 0.76 -31.18
C HIS B 36 -31.52 2.12 -31.59
N ALA B 37 -31.53 2.41 -32.90
CA ALA B 37 -31.07 3.71 -33.39
C ALA B 37 -32.02 4.82 -32.94
N VAL B 38 -33.32 4.56 -32.89
CA VAL B 38 -34.28 5.61 -32.42
C VAL B 38 -34.05 5.96 -30.94
N LYS B 39 -33.70 4.93 -30.17
CA LYS B 39 -33.36 5.06 -28.75
C LYS B 39 -32.13 6.00 -28.59
N VAL B 40 -31.05 5.72 -29.30
CA VAL B 40 -29.89 6.62 -29.27
C VAL B 40 -30.33 8.05 -29.64
N LEU B 41 -31.08 8.21 -30.75
CA LEU B 41 -31.53 9.54 -31.20
C LEU B 41 -32.36 10.27 -30.15
N LYS B 42 -33.30 9.56 -29.56
CA LYS B 42 -34.17 10.16 -28.59
C LYS B 42 -33.44 10.57 -27.31
N GLU B 43 -32.39 9.80 -26.96
CA GLU B 43 -31.46 10.11 -25.84
C GLU B 43 -30.91 11.52 -26.02
N LEU B 44 -30.45 11.79 -27.24
CA LEU B 44 -29.76 13.02 -27.64
C LEU B 44 -30.66 14.22 -27.81
N LEU B 45 -31.93 13.98 -28.08
CA LEU B 45 -32.88 15.06 -28.26
C LEU B 45 -33.72 15.27 -27.00
N SER B 46 -33.44 14.52 -25.95
CA SER B 46 -34.11 14.75 -24.67
C SER B 46 -33.89 16.21 -24.29
N GLY B 47 -34.93 16.83 -23.73
CA GLY B 47 -34.88 18.26 -23.45
C GLY B 47 -35.13 19.10 -24.68
N LYS B 48 -35.42 18.45 -25.81
CA LYS B 48 -35.78 19.16 -27.02
C LYS B 48 -37.20 18.80 -27.45
N GLN B 49 -37.89 19.73 -28.11
CA GLN B 49 -39.31 19.56 -28.40
C GLN B 49 -39.63 18.91 -29.73
N SER B 50 -40.39 17.83 -29.69
CA SER B 50 -40.86 17.22 -30.92
C SER B 50 -42.09 17.95 -31.39
N SER B 51 -42.31 17.92 -32.69
CA SER B 51 -43.46 18.58 -33.30
C SER B 51 -43.73 18.10 -34.73
N LYS B 52 -44.89 18.47 -35.25
CA LYS B 52 -45.30 18.11 -36.59
C LYS B 52 -44.89 19.19 -37.60
N LYS B 53 -44.30 20.30 -37.11
CA LYS B 53 -43.62 21.29 -37.96
C LYS B 53 -42.46 21.97 -37.23
N GLY B 54 -41.24 21.66 -37.69
CA GLY B 54 -39.97 22.14 -37.11
C GLY B 54 -38.86 21.57 -37.97
N MET B 55 -37.59 21.74 -37.57
CA MET B 55 -36.47 21.22 -38.36
C MET B 55 -36.64 19.72 -38.60
N LEU B 56 -36.48 19.29 -39.85
CA LEU B 56 -36.81 17.93 -40.20
C LEU B 56 -35.64 17.02 -39.89
N ILE B 57 -35.90 15.95 -39.14
CA ILE B 57 -34.91 14.89 -38.93
C ILE B 57 -35.44 13.56 -39.44
N SER B 58 -34.75 12.98 -40.42
CA SER B 58 -35.27 11.80 -41.13
C SER B 58 -34.41 10.61 -40.84
N ILE B 59 -35.04 9.57 -40.27
CA ILE B 59 -34.32 8.37 -39.91
C ILE B 59 -35.00 7.11 -40.44
N GLY B 60 -34.24 6.15 -40.96
CA GLY B 60 -34.86 4.96 -41.53
C GLY B 60 -33.85 4.08 -42.27
N GLU B 61 -34.30 2.91 -42.67
CA GLU B 61 -33.48 2.01 -43.47
C GLU B 61 -33.93 2.24 -44.91
N LYS B 62 -33.01 2.06 -45.85
CA LYS B 62 -33.34 2.05 -47.26
C LYS B 62 -34.59 1.19 -47.49
N GLY B 63 -35.62 1.80 -48.08
CA GLY B 63 -36.87 1.13 -48.26
C GLY B 63 -37.93 1.77 -47.39
N ASP B 64 -37.52 2.43 -46.31
CA ASP B 64 -38.45 3.19 -45.51
C ASP B 64 -38.90 4.39 -46.31
N LYS B 65 -40.17 4.76 -46.12
CA LYS B 65 -40.77 5.96 -46.71
C LYS B 65 -39.99 7.22 -46.30
N SER B 66 -39.49 7.22 -45.07
CA SER B 66 -38.82 8.39 -44.47
C SER B 66 -37.55 8.83 -45.23
N VAL B 67 -36.84 7.87 -45.82
CA VAL B 67 -35.56 8.12 -46.46
C VAL B 67 -35.54 7.91 -47.99
N ARG B 68 -36.74 7.82 -48.58
CA ARG B 68 -36.92 7.70 -50.03
C ARG B 68 -36.06 8.66 -50.86
N LYS B 69 -36.02 9.94 -50.46
CA LYS B 69 -35.26 10.96 -51.19
C LYS B 69 -33.76 10.64 -51.29
N TYR B 70 -33.27 9.80 -50.40
CA TYR B 70 -31.83 9.63 -50.25
C TYR B 70 -31.36 8.24 -50.64
N SER B 71 -32.22 7.47 -51.30
CA SER B 71 -31.91 6.07 -51.58
C SER B 71 -30.64 5.89 -52.40
N ARG B 72 -30.34 6.86 -53.27
CA ARG B 72 -29.15 6.81 -54.13
C ARG B 72 -27.88 7.20 -53.38
N GLN B 73 -28.06 7.84 -52.23
CA GLN B 73 -26.97 8.33 -51.42
C GLN B 73 -26.48 7.24 -50.45
N ILE B 74 -27.38 6.34 -50.06
CA ILE B 74 -27.08 5.24 -49.13
C ILE B 74 -26.15 4.24 -49.78
N PRO B 75 -24.97 3.98 -49.17
CA PRO B 75 -24.07 3.02 -49.79
C PRO B 75 -24.69 1.64 -49.87
N ASP B 76 -24.33 0.89 -50.91
CA ASP B 76 -24.85 -0.44 -51.14
C ASP B 76 -23.97 -1.51 -50.50
N HIS B 77 -23.93 -1.47 -49.19
CA HIS B 77 -23.04 -2.32 -48.36
C HIS B 77 -23.78 -2.66 -47.08
N LYS B 78 -23.67 -3.92 -46.65
CA LYS B 78 -24.13 -4.25 -45.29
C LYS B 78 -23.55 -3.28 -44.27
N GLU B 79 -24.40 -2.74 -43.40
CA GLU B 79 -24.02 -1.89 -42.29
C GLU B 79 -23.65 -0.48 -42.74
N GLY B 80 -23.82 -0.22 -44.03
CA GLY B 80 -23.60 1.08 -44.62
C GLY B 80 -24.66 2.07 -44.15
N TYR B 81 -24.32 3.36 -44.24
CA TYR B 81 -25.31 4.41 -43.99
C TYR B 81 -24.91 5.69 -44.70
N TYR B 82 -25.86 6.61 -44.74
CA TYR B 82 -25.65 7.95 -45.23
C TYR B 82 -26.10 8.90 -44.12
N LEU B 83 -25.30 9.95 -43.88
CA LEU B 83 -25.61 10.93 -42.84
C LEU B 83 -25.48 12.33 -43.40
N SER B 84 -26.41 13.21 -43.04
CA SER B 84 -26.35 14.56 -43.56
C SER B 84 -26.81 15.57 -42.53
N VAL B 85 -26.04 16.64 -42.40
CA VAL B 85 -26.45 17.77 -41.59
C VAL B 85 -26.28 19.01 -42.44
N ASN B 86 -27.36 19.76 -42.63
CA ASN B 86 -27.26 21.09 -43.21
C ASN B 86 -28.19 22.03 -42.48
N GLU B 87 -28.22 23.29 -42.89
CA GLU B 87 -29.08 24.28 -42.28
C GLU B 87 -30.51 23.78 -42.23
N LYS B 88 -30.92 23.08 -43.27
CA LYS B 88 -32.31 22.68 -43.45
C LYS B 88 -32.73 21.44 -42.69
N GLU B 89 -32.02 20.34 -42.87
CA GLU B 89 -32.45 19.08 -42.26
C GLU B 89 -31.29 18.16 -41.82
N ILE B 90 -31.64 17.06 -41.18
CA ILE B 90 -30.66 16.05 -40.76
C ILE B 90 -31.07 14.67 -41.24
N VAL B 91 -30.13 13.93 -41.80
CA VAL B 91 -30.44 12.62 -42.37
C VAL B 91 -29.58 11.50 -41.78
N LEU B 92 -30.22 10.36 -41.52
CA LEU B 92 -29.64 9.26 -40.81
C LEU B 92 -30.26 7.98 -41.41
N ALA B 93 -29.62 7.44 -42.45
CA ALA B 93 -30.26 6.46 -43.28
C ALA B 93 -29.32 5.32 -43.49
N GLY B 94 -29.65 4.15 -42.92
CA GLY B 94 -28.81 2.98 -43.12
C GLY B 94 -29.19 2.17 -44.35
N ASN B 95 -28.21 1.48 -44.95
CA ASN B 95 -28.55 0.47 -45.93
C ASN B 95 -29.42 -0.63 -45.30
N ASP B 96 -29.25 -0.87 -44.01
CA ASP B 96 -29.95 -1.92 -43.27
C ASP B 96 -30.04 -1.44 -41.83
N GLU B 97 -30.71 -2.19 -40.95
CA GLU B 97 -30.95 -1.75 -39.56
C GLU B 97 -29.67 -1.41 -38.78
N ARG B 98 -28.65 -2.24 -38.91
CA ARG B 98 -27.39 -2.01 -38.25
C ARG B 98 -26.78 -0.71 -38.79
N GLY B 99 -26.86 -0.52 -40.11
CA GLY B 99 -26.36 0.71 -40.72
C GLY B 99 -26.99 1.95 -40.07
N THR B 100 -28.29 1.92 -39.77
CA THR B 100 -28.96 3.07 -39.15
C THR B 100 -28.40 3.32 -37.73
N TYR B 101 -28.25 2.26 -36.95
CA TYR B 101 -27.61 2.35 -35.63
C TYR B 101 -26.23 3.05 -35.70
N TYR B 102 -25.40 2.59 -36.63
CA TYR B 102 -24.05 3.10 -36.77
C TYR B 102 -24.05 4.54 -37.23
N ALA B 103 -25.03 4.91 -38.03
CA ALA B 103 -25.15 6.30 -38.45
C ALA B 103 -25.28 7.15 -37.22
N LEU B 104 -26.02 6.67 -36.24
CA LEU B 104 -26.26 7.45 -35.04
C LEU B 104 -25.04 7.48 -34.12
N GLN B 105 -24.25 6.43 -34.14
CA GLN B 105 -23.05 6.39 -33.34
C GLN B 105 -22.09 7.44 -33.86
N THR B 106 -22.17 7.72 -35.16
CA THR B 106 -21.35 8.76 -35.74
C THR B 106 -21.96 10.12 -35.44
N PHE B 107 -23.27 10.19 -35.49
CA PHE B 107 -23.97 11.41 -35.17
C PHE B 107 -23.58 11.87 -33.78
N ALA B 108 -23.61 10.95 -32.81
CA ALA B 108 -23.29 11.29 -31.41
C ALA B 108 -21.87 11.86 -31.24
N GLN B 109 -20.92 11.39 -32.07
CA GLN B 109 -19.57 11.95 -32.06
C GLN B 109 -19.44 13.33 -32.73
N LEU B 110 -20.35 13.65 -33.65
CA LEU B 110 -20.36 14.98 -34.30
C LEU B 110 -20.87 16.01 -33.34
N LEU B 111 -21.71 15.57 -32.41
CA LEU B 111 -22.44 16.51 -31.56
C LEU B 111 -21.58 16.95 -30.37
N LYS B 112 -21.32 18.24 -30.28
CA LYS B 112 -20.55 18.77 -29.16
C LYS B 112 -21.17 20.07 -28.67
N ASP B 113 -21.52 20.06 -27.37
CA ASP B 113 -22.11 21.23 -26.69
C ASP B 113 -23.33 21.77 -27.41
N GLY B 114 -24.21 20.86 -27.81
CA GLY B 114 -25.48 21.20 -28.48
C GLY B 114 -25.32 21.84 -29.83
N LYS B 115 -24.24 21.51 -30.52
CA LYS B 115 -23.95 22.05 -31.84
C LYS B 115 -23.40 20.98 -32.75
N LEU B 116 -23.62 21.15 -34.05
CA LEU B 116 -23.29 20.16 -35.04
C LEU B 116 -22.58 20.79 -36.21
N PRO B 117 -21.64 20.05 -36.82
CA PRO B 117 -21.07 20.60 -38.06
C PRO B 117 -21.95 20.28 -39.27
N GLU B 118 -22.00 21.20 -40.24
CA GLU B 118 -22.55 20.88 -41.56
C GLU B 118 -21.64 19.85 -42.25
N VAL B 119 -22.19 18.68 -42.54
CA VAL B 119 -21.40 17.55 -42.99
C VAL B 119 -22.25 16.56 -43.83
N GLU B 120 -21.57 15.79 -44.66
CA GLU B 120 -22.20 14.74 -45.41
C GLU B 120 -21.25 13.56 -45.43
N ILE B 121 -21.76 12.39 -45.06
CA ILE B 121 -20.97 11.18 -44.82
C ILE B 121 -21.60 9.99 -45.51
N LYS B 122 -20.80 9.26 -46.27
CA LYS B 122 -21.17 7.97 -46.81
C LYS B 122 -20.17 6.97 -46.25
N ASP B 123 -20.69 5.95 -45.59
CA ASP B 123 -19.85 5.13 -44.72
C ASP B 123 -20.28 3.67 -44.68
N TYR B 124 -19.34 2.79 -44.38
CA TYR B 124 -19.62 1.36 -44.36
C TYR B 124 -18.32 0.67 -43.90
N PRO B 125 -18.43 -0.54 -43.34
CA PRO B 125 -17.21 -1.23 -42.89
C PRO B 125 -16.49 -1.88 -44.04
N SER B 126 -15.16 -1.92 -43.99
CA SER B 126 -14.40 -2.66 -45.02
C SER B 126 -14.28 -4.14 -44.71
N VAL B 127 -14.47 -4.52 -43.45
CA VAL B 127 -14.38 -5.94 -43.04
C VAL B 127 -15.75 -6.31 -42.44
N ARG B 128 -16.29 -7.46 -42.81
CA ARG B 128 -17.67 -7.81 -42.47
C ARG B 128 -17.85 -8.04 -40.95
N TYR B 129 -16.99 -8.86 -40.37
CA TYR B 129 -17.05 -9.11 -38.92
C TYR B 129 -15.88 -8.48 -38.15
N ARG B 130 -16.22 -7.72 -37.11
CA ARG B 130 -15.27 -6.91 -36.35
C ARG B 130 -15.58 -6.96 -34.87
N GLY B 131 -14.59 -7.37 -34.09
CA GLY B 131 -14.73 -7.23 -32.66
C GLY B 131 -13.75 -7.92 -31.76
N VAL B 132 -14.31 -8.53 -30.72
CA VAL B 132 -13.48 -9.13 -29.69
C VAL B 132 -13.84 -10.56 -29.44
N VAL B 133 -12.85 -11.46 -29.39
CA VAL B 133 -13.06 -12.71 -28.78
C VAL B 133 -12.39 -12.70 -27.37
N GLU B 134 -13.20 -12.85 -26.33
CA GLU B 134 -12.71 -13.08 -24.98
C GLU B 134 -12.30 -14.52 -24.95
N GLY B 135 -11.09 -14.81 -25.37
CA GLY B 135 -10.69 -16.21 -25.53
C GLY B 135 -9.35 -16.56 -24.90
N PHE B 136 -9.01 -15.81 -23.86
CA PHE B 136 -7.70 -15.94 -23.16
C PHE B 136 -7.80 -16.89 -22.02
N TYR B 137 -6.65 -17.51 -21.68
CA TYR B 137 -6.40 -18.16 -20.35
C TYR B 137 -6.28 -17.18 -19.20
N GLY B 138 -6.73 -17.59 -18.01
CA GLY B 138 -6.70 -16.63 -16.86
C GLY B 138 -8.11 -16.38 -16.35
N THR B 139 -8.27 -15.47 -15.38
CA THR B 139 -9.59 -15.08 -14.83
C THR B 139 -10.50 -14.44 -15.86
N PRO B 140 -11.64 -15.12 -16.15
CA PRO B 140 -12.61 -14.53 -17.10
C PRO B 140 -13.12 -13.15 -16.67
N TRP B 141 -13.50 -12.37 -17.67
CA TRP B 141 -13.98 -11.03 -17.39
C TRP B 141 -15.14 -11.08 -16.43
N SER B 142 -15.24 -10.12 -15.54
CA SER B 142 -16.42 -10.06 -14.71
C SER B 142 -17.67 -9.76 -15.52
N HIS B 143 -18.84 -10.12 -14.97
CA HIS B 143 -20.12 -9.79 -15.59
C HIS B 143 -20.27 -8.26 -15.82
N GLN B 144 -19.81 -7.46 -14.86
CA GLN B 144 -19.97 -5.99 -14.99
C GLN B 144 -19.03 -5.46 -16.05
N ALA B 145 -17.87 -6.12 -16.17
CA ALA B 145 -16.93 -5.77 -17.18
C ALA B 145 -17.52 -6.08 -18.57
N ARG B 146 -18.10 -7.30 -18.73
CA ARG B 146 -18.70 -7.73 -20.01
C ARG B 146 -19.81 -6.78 -20.42
N LEU B 147 -20.64 -6.37 -19.46
CA LEU B 147 -21.67 -5.41 -19.73
C LEU B 147 -21.05 -4.08 -20.28
N SER B 148 -19.94 -3.66 -19.71
CA SER B 148 -19.25 -2.47 -20.17
C SER B 148 -18.67 -2.66 -21.54
N GLN B 149 -18.07 -3.82 -21.82
CA GLN B 149 -17.55 -3.99 -23.09
C GLN B 149 -18.60 -3.85 -24.20
N LEU B 150 -19.79 -4.47 -24.01
CA LEU B 150 -20.75 -4.61 -25.11
C LEU B 150 -21.26 -3.23 -25.53
N LYS B 151 -21.40 -2.35 -24.57
CA LYS B 151 -21.77 -0.99 -24.89
C LYS B 151 -20.64 -0.27 -25.64
N PHE B 152 -19.39 -0.52 -25.23
CA PHE B 152 -18.23 0.05 -25.91
C PHE B 152 -18.20 -0.38 -27.37
N TYR B 153 -18.51 -1.65 -27.63
CA TYR B 153 -18.48 -2.22 -29.03
C TYR B 153 -19.53 -1.52 -29.91
N GLY B 154 -20.74 -1.38 -29.38
CA GLY B 154 -21.78 -0.60 -30.04
C GLY B 154 -21.29 0.73 -30.50
N LYS B 155 -20.73 1.51 -29.58
CA LYS B 155 -20.22 2.85 -29.87
C LYS B 155 -19.12 2.82 -30.94
N ASN B 156 -18.38 1.73 -31.04
CA ASN B 156 -17.25 1.66 -31.99
C ASN B 156 -17.49 0.81 -33.21
N LYS B 157 -18.77 0.48 -33.39
CA LYS B 157 -19.28 -0.25 -34.55
C LYS B 157 -18.63 -1.60 -34.63
N MET B 158 -18.32 -2.22 -33.48
CA MET B 158 -17.88 -3.63 -33.53
C MET B 158 -19.15 -4.49 -33.42
N ASN B 159 -19.30 -5.46 -34.30
CA ASN B 159 -20.57 -6.20 -34.39
C ASN B 159 -20.44 -7.63 -33.83
N THR B 160 -19.31 -7.93 -33.22
CA THR B 160 -19.00 -9.33 -32.88
C THR B 160 -18.33 -9.50 -31.52
N TYR B 161 -18.92 -10.33 -30.66
CA TYR B 161 -18.34 -10.65 -29.38
C TYR B 161 -18.39 -12.12 -29.32
N ILE B 162 -17.23 -12.74 -29.33
CA ILE B 162 -17.15 -14.18 -29.19
C ILE B 162 -16.74 -14.58 -27.77
N TYR B 163 -17.65 -15.22 -27.06
CA TYR B 163 -17.41 -15.62 -25.70
C TYR B 163 -16.72 -16.97 -25.74
N GLY B 164 -15.47 -17.03 -25.27
CA GLY B 164 -14.77 -18.30 -25.10
C GLY B 164 -13.62 -18.29 -24.10
N PRO B 165 -13.88 -17.86 -22.83
CA PRO B 165 -12.80 -17.82 -21.82
C PRO B 165 -12.27 -19.24 -21.59
N LYS B 166 -10.99 -19.41 -21.86
CA LYS B 166 -10.44 -20.77 -21.75
C LYS B 166 -10.66 -21.47 -20.39
N ASP B 167 -10.73 -20.67 -19.32
CA ASP B 167 -10.94 -21.20 -17.97
C ASP B 167 -12.40 -21.25 -17.46
N ASP B 168 -13.38 -20.97 -18.32
CA ASP B 168 -14.79 -21.22 -18.01
C ASP B 168 -15.00 -22.74 -18.16
N PRO B 169 -15.28 -23.42 -17.05
CA PRO B 169 -15.49 -24.87 -17.14
C PRO B 169 -16.71 -25.30 -18.03
N TYR B 170 -17.73 -24.44 -18.20
CA TYR B 170 -18.88 -24.78 -19.06
C TYR B 170 -18.56 -24.54 -20.57
N HIS B 171 -17.39 -23.95 -20.83
CA HIS B 171 -16.93 -23.67 -22.19
C HIS B 171 -15.98 -24.76 -22.67
N SER B 172 -15.13 -25.25 -21.79
CA SER B 172 -14.10 -26.20 -22.18
C SER B 172 -14.29 -27.52 -21.46
N ALA B 173 -13.27 -28.40 -21.46
CA ALA B 173 -13.40 -29.74 -20.93
C ALA B 173 -13.29 -29.80 -19.41
N PRO B 174 -14.07 -30.71 -18.75
CA PRO B 174 -15.08 -31.58 -19.38
C PRO B 174 -16.52 -31.03 -19.32
N ASN B 175 -16.73 -29.98 -18.55
CA ASN B 175 -18.08 -29.54 -18.37
C ASN B 175 -18.64 -28.73 -19.54
N TRP B 176 -18.01 -28.88 -20.72
CA TRP B 176 -18.59 -28.29 -21.94
C TRP B 176 -19.93 -28.97 -22.20
N ARG B 177 -20.01 -30.23 -21.78
CA ARG B 177 -21.23 -31.02 -21.87
C ARG B 177 -22.37 -30.59 -20.95
N LEU B 178 -22.08 -29.77 -19.96
CA LEU B 178 -23.05 -29.41 -18.94
C LEU B 178 -23.70 -28.04 -19.20
N PRO B 179 -25.03 -27.96 -19.09
CA PRO B 179 -25.67 -26.63 -19.13
C PRO B 179 -25.14 -25.71 -17.98
N TYR B 180 -24.93 -24.44 -18.24
CA TYR B 180 -24.62 -23.49 -17.18
C TYR B 180 -25.60 -23.61 -15.99
N PRO B 181 -25.13 -23.46 -14.74
CA PRO B 181 -26.05 -23.35 -13.63
C PRO B 181 -26.93 -22.09 -13.75
N ASP B 182 -28.02 -22.05 -13.00
CA ASP B 182 -29.01 -21.00 -13.16
C ASP B 182 -28.45 -19.57 -13.14
N LYS B 183 -27.59 -19.29 -12.15
CA LYS B 183 -27.06 -17.93 -11.97
C LYS B 183 -26.28 -17.44 -13.18
N GLU B 184 -25.38 -18.29 -13.68
CA GLU B 184 -24.56 -18.00 -14.80
C GLU B 184 -25.41 -17.88 -16.05
N ALA B 185 -26.49 -18.67 -16.13
CA ALA B 185 -27.34 -18.73 -17.30
C ALA B 185 -28.11 -17.43 -17.45
N ALA B 186 -28.70 -16.96 -16.35
CA ALA B 186 -29.32 -15.65 -16.32
C ALA B 186 -28.33 -14.49 -16.62
N GLN B 187 -27.11 -14.55 -16.11
CA GLN B 187 -26.09 -13.56 -16.55
C GLN B 187 -25.86 -13.61 -18.07
N LEU B 188 -25.67 -14.78 -18.62
CA LEU B 188 -25.43 -14.86 -20.06
C LEU B 188 -26.65 -14.38 -20.88
N GLN B 189 -27.84 -14.68 -20.36
CA GLN B 189 -29.08 -14.22 -20.92
C GLN B 189 -29.07 -12.71 -20.98
N GLU B 190 -28.77 -12.06 -19.86
CA GLU B 190 -28.66 -10.61 -19.85
C GLU B 190 -27.53 -10.09 -20.79
N LEU B 191 -26.36 -10.73 -20.84
CA LEU B 191 -25.37 -10.31 -21.80
C LEU B 191 -25.92 -10.32 -23.26
N VAL B 192 -26.68 -11.35 -23.64
CA VAL B 192 -27.25 -11.44 -24.99
C VAL B 192 -28.20 -10.27 -25.21
N ALA B 193 -29.05 -10.01 -24.24
CA ALA B 193 -30.02 -8.93 -24.46
C ALA B 193 -29.25 -7.64 -24.74
N VAL B 194 -28.32 -7.31 -23.84
CA VAL B 194 -27.48 -6.14 -23.95
C VAL B 194 -26.67 -6.17 -25.26
N ALA B 195 -26.04 -7.30 -25.63
CA ALA B 195 -25.46 -7.37 -26.95
C ALA B 195 -26.44 -6.94 -28.09
N ASN B 196 -27.67 -7.48 -28.09
CA ASN B 196 -28.67 -7.19 -29.15
C ASN B 196 -29.02 -5.70 -29.20
N GLU B 197 -29.13 -5.10 -28.03
CA GLU B 197 -29.44 -3.67 -27.93
C GLU B 197 -28.33 -2.80 -28.55
N ASN B 198 -27.10 -3.33 -28.63
CA ASN B 198 -25.93 -2.54 -29.06
C ASN B 198 -25.43 -3.04 -30.43
N GLU B 199 -26.20 -3.93 -31.05
CA GLU B 199 -26.00 -4.45 -32.41
C GLU B 199 -24.82 -5.36 -32.53
N VAL B 200 -24.54 -6.09 -31.46
CA VAL B 200 -23.36 -6.95 -31.45
C VAL B 200 -23.93 -8.33 -31.52
N ASP B 201 -23.33 -9.21 -32.31
CA ASP B 201 -23.69 -10.61 -32.28
C ASP B 201 -22.95 -11.23 -31.09
N PHE B 202 -23.69 -11.81 -30.17
CA PHE B 202 -23.09 -12.57 -29.10
C PHE B 202 -22.82 -13.94 -29.66
N VAL B 203 -21.57 -14.27 -29.86
CA VAL B 203 -21.29 -15.54 -30.37
C VAL B 203 -20.82 -16.46 -29.23
N TRP B 204 -21.58 -17.51 -28.92
CA TRP B 204 -21.13 -18.39 -27.88
C TRP B 204 -20.23 -19.52 -28.43
N ALA B 205 -19.00 -19.61 -27.97
CA ALA B 205 -18.09 -20.66 -28.41
C ALA B 205 -18.04 -21.80 -27.41
N ILE B 206 -17.59 -22.96 -27.87
CA ILE B 206 -17.44 -24.14 -27.06
C ILE B 206 -16.09 -24.74 -27.49
N HIS B 207 -15.44 -25.46 -26.58
CA HIS B 207 -14.03 -25.89 -26.75
C HIS B 207 -13.96 -27.33 -26.30
N PRO B 208 -14.41 -28.28 -27.17
CA PRO B 208 -14.60 -29.65 -26.67
C PRO B 208 -13.51 -30.64 -27.02
N GLY B 209 -12.52 -30.21 -27.81
CA GLY B 209 -11.68 -31.21 -28.51
C GLY B 209 -10.75 -32.00 -27.66
N GLN B 210 -10.45 -31.51 -26.44
CA GLN B 210 -9.47 -32.29 -25.62
C GLN B 210 -9.95 -33.70 -25.21
N ASP B 211 -11.25 -33.85 -24.98
CA ASP B 211 -11.82 -35.16 -24.59
C ASP B 211 -13.11 -35.51 -25.35
N ILE B 212 -13.39 -34.83 -26.46
CA ILE B 212 -14.50 -35.23 -27.30
C ILE B 212 -14.27 -36.63 -27.87
N LYS B 213 -15.26 -37.53 -27.77
CA LYS B 213 -15.25 -38.77 -28.55
C LYS B 213 -16.05 -38.53 -29.83
N TRP B 214 -15.62 -39.17 -30.92
CA TRP B 214 -16.29 -39.08 -32.20
C TRP B 214 -17.39 -40.16 -32.27
N ASN B 215 -18.42 -39.97 -31.44
CA ASN B 215 -19.56 -40.91 -31.29
C ASN B 215 -20.85 -40.07 -31.13
N LYS B 216 -22.00 -40.74 -31.20
CA LYS B 216 -23.31 -40.08 -31.15
C LYS B 216 -23.51 -39.40 -29.81
N GLU B 217 -23.10 -40.06 -28.72
CA GLU B 217 -23.25 -39.47 -27.39
C GLU B 217 -22.71 -38.00 -27.24
N ASP B 218 -21.44 -37.77 -27.62
CA ASP B 218 -20.84 -36.41 -27.51
C ASP B 218 -21.42 -35.37 -28.49
N ARG B 219 -21.67 -35.84 -29.71
CA ARG B 219 -22.32 -35.08 -30.75
C ARG B 219 -23.66 -34.47 -30.24
N ASP B 220 -24.56 -35.30 -29.70
CA ASP B 220 -25.83 -34.82 -29.14
C ASP B 220 -25.66 -34.00 -27.89
N LEU B 221 -24.67 -34.33 -27.04
CA LEU B 221 -24.40 -33.46 -25.90
C LEU B 221 -23.97 -32.04 -26.36
N LEU B 222 -23.14 -31.98 -27.39
CA LEU B 222 -22.75 -30.68 -27.96
C LEU B 222 -23.98 -29.93 -28.52
N LEU B 223 -24.76 -30.60 -29.37
CA LEU B 223 -25.99 -29.95 -29.89
C LEU B 223 -26.97 -29.62 -28.80
N ALA B 224 -27.08 -30.52 -27.81
CA ALA B 224 -27.94 -30.21 -26.66
C ALA B 224 -27.49 -28.93 -25.92
N LYS B 225 -26.17 -28.72 -25.83
CA LYS B 225 -25.61 -27.54 -25.19
C LYS B 225 -25.91 -26.26 -26.01
N PHE B 226 -25.75 -26.38 -27.30
CA PHE B 226 -26.10 -25.31 -28.27
C PHE B 226 -27.57 -24.92 -28.16
N GLU B 227 -28.42 -25.94 -28.00
CA GLU B 227 -29.85 -25.74 -27.82
C GLU B 227 -30.17 -24.94 -26.58
N LYS B 228 -29.54 -25.31 -25.46
CA LYS B 228 -29.69 -24.54 -24.19
C LYS B 228 -29.18 -23.12 -24.37
N MET B 229 -28.05 -22.95 -25.04
CA MET B 229 -27.55 -21.59 -25.33
C MET B 229 -28.53 -20.82 -26.21
N TYR B 230 -29.08 -21.53 -27.24
CA TYR B 230 -30.17 -20.95 -28.05
C TYR B 230 -31.36 -20.48 -27.19
N GLN B 231 -31.79 -21.30 -26.22
CA GLN B 231 -32.88 -20.88 -25.28
C GLN B 231 -32.56 -19.64 -24.46
N LEU B 232 -31.29 -19.42 -24.24
CA LEU B 232 -30.81 -18.21 -23.58
C LEU B 232 -30.68 -16.98 -24.53
N GLY B 233 -31.09 -17.10 -25.80
CA GLY B 233 -31.08 -15.97 -26.73
C GLY B 233 -29.91 -15.95 -27.69
N VAL B 234 -28.94 -16.86 -27.51
CA VAL B 234 -27.75 -16.89 -28.35
C VAL B 234 -28.14 -17.23 -29.77
N ARG B 235 -27.66 -16.41 -30.72
CA ARG B 235 -27.96 -16.68 -32.13
C ARG B 235 -26.73 -16.91 -33.01
N SER B 236 -25.53 -16.87 -32.45
CA SER B 236 -24.29 -17.26 -33.24
C SER B 236 -23.44 -18.21 -32.46
N PHE B 237 -22.61 -19.04 -33.12
CA PHE B 237 -22.00 -20.14 -32.40
C PHE B 237 -20.61 -20.40 -32.97
N ALA B 238 -19.74 -20.97 -32.13
CA ALA B 238 -18.41 -21.32 -32.57
C ALA B 238 -17.96 -22.58 -31.90
N VAL B 239 -17.06 -23.30 -32.55
CA VAL B 239 -16.47 -24.47 -31.95
C VAL B 239 -14.96 -24.29 -32.13
N PHE B 240 -14.25 -24.35 -31.01
CA PHE B 240 -12.81 -24.02 -31.04
C PHE B 240 -12.07 -25.31 -30.84
N PHE B 241 -11.11 -25.58 -31.70
CA PHE B 241 -10.24 -26.75 -31.56
C PHE B 241 -8.75 -26.37 -31.33
N ASP B 242 -8.50 -25.20 -30.75
CA ASP B 242 -7.13 -24.73 -30.47
C ASP B 242 -6.48 -25.35 -29.20
N ASP B 243 -5.17 -25.66 -29.24
CA ASP B 243 -4.39 -26.00 -28.03
C ASP B 243 -4.84 -27.32 -27.38
N ILE B 244 -5.00 -28.36 -28.20
CA ILE B 244 -5.42 -29.67 -27.74
C ILE B 244 -4.53 -30.74 -28.37
N SER B 245 -4.58 -31.96 -27.85
CA SER B 245 -3.88 -33.07 -28.48
C SER B 245 -4.84 -34.27 -28.54
N GLY B 246 -4.45 -35.35 -29.22
CA GLY B 246 -5.32 -36.50 -29.32
C GLY B 246 -6.21 -36.44 -30.54
N GLU B 247 -7.34 -37.17 -30.47
CA GLU B 247 -8.22 -37.48 -31.60
C GLU B 247 -9.06 -36.29 -31.98
N GLY B 248 -9.32 -35.43 -31.02
CA GLY B 248 -10.05 -34.18 -31.32
C GLY B 248 -9.32 -33.30 -32.34
N THR B 249 -8.09 -33.70 -32.72
CA THR B 249 -7.38 -32.90 -33.70
C THR B 249 -7.74 -33.30 -35.10
N ASN B 250 -8.45 -34.44 -35.24
CA ASN B 250 -8.84 -35.03 -36.55
C ASN B 250 -9.62 -34.04 -37.45
N PRO B 251 -9.00 -33.63 -38.59
CA PRO B 251 -9.61 -32.59 -39.45
C PRO B 251 -10.96 -32.99 -40.12
N GLN B 252 -11.07 -34.25 -40.46
CA GLN B 252 -12.25 -34.83 -41.11
C GLN B 252 -13.40 -34.85 -40.11
N LYS B 253 -13.13 -35.33 -38.91
CA LYS B 253 -14.13 -35.39 -37.86
C LYS B 253 -14.59 -34.01 -37.49
N GLN B 254 -13.65 -33.08 -37.48
CA GLN B 254 -13.99 -31.71 -37.10
C GLN B 254 -14.90 -31.13 -38.15
N ALA B 255 -14.53 -31.33 -39.41
CA ALA B 255 -15.30 -30.87 -40.56
C ALA B 255 -16.72 -31.48 -40.53
N GLU B 256 -16.79 -32.81 -40.39
CA GLU B 256 -18.07 -33.51 -40.24
C GLU B 256 -18.93 -32.93 -39.11
N LEU B 257 -18.31 -32.68 -37.97
CA LEU B 257 -19.08 -32.12 -36.85
C LEU B 257 -19.61 -30.75 -37.17
N LEU B 258 -18.76 -29.89 -37.75
CA LEU B 258 -19.23 -28.54 -38.07
C LEU B 258 -20.33 -28.56 -39.10
N ASN B 259 -20.18 -29.44 -40.09
CA ASN B 259 -21.21 -29.60 -41.11
C ASN B 259 -22.54 -30.10 -40.56
N TYR B 260 -22.47 -31.05 -39.66
CA TYR B 260 -23.65 -31.52 -38.97
C TYR B 260 -24.32 -30.36 -38.22
N ILE B 261 -23.55 -29.56 -37.47
CA ILE B 261 -24.12 -28.42 -36.68
C ILE B 261 -24.82 -27.45 -37.64
N ASP B 262 -24.15 -27.21 -38.77
CA ASP B 262 -24.63 -26.33 -39.81
C ASP B 262 -25.95 -26.87 -40.38
N GLU B 263 -25.93 -28.13 -40.79
CA GLU B 263 -27.06 -28.70 -41.49
C GLU B 263 -28.25 -29.02 -40.56
N LYS B 264 -28.00 -29.42 -39.31
CA LYS B 264 -29.10 -29.85 -38.42
C LYS B 264 -29.49 -28.78 -37.41
N PHE B 265 -28.80 -27.64 -37.40
CA PHE B 265 -29.01 -26.67 -36.33
C PHE B 265 -28.95 -25.25 -36.91
N ALA B 266 -27.81 -24.86 -37.44
CA ALA B 266 -27.72 -23.53 -37.98
C ALA B 266 -28.64 -23.28 -39.20
N GLN B 267 -28.79 -24.29 -40.08
CA GLN B 267 -29.58 -24.14 -41.33
C GLN B 267 -31.04 -24.51 -41.08
N VAL B 268 -31.34 -24.94 -39.83
CA VAL B 268 -32.65 -25.42 -39.40
C VAL B 268 -33.41 -24.41 -38.48
N LYS B 269 -32.70 -23.60 -37.69
CA LYS B 269 -33.34 -22.58 -36.84
C LYS B 269 -33.82 -21.39 -37.69
N PRO B 270 -34.73 -20.55 -37.15
CA PRO B 270 -35.24 -19.44 -37.95
C PRO B 270 -34.25 -18.29 -38.22
N ASP B 271 -33.24 -18.13 -37.37
CA ASP B 271 -32.59 -16.84 -37.18
C ASP B 271 -31.15 -16.96 -36.68
N ILE B 272 -30.44 -18.01 -37.08
CA ILE B 272 -29.07 -18.09 -36.69
C ILE B 272 -28.18 -17.26 -37.64
N ASN B 273 -27.14 -16.63 -37.07
CA ASN B 273 -26.25 -15.71 -37.79
C ASN B 273 -24.88 -16.32 -38.11
N GLN B 274 -23.91 -16.31 -37.19
CA GLN B 274 -22.55 -16.72 -37.56
C GLN B 274 -22.31 -18.14 -37.07
N LEU B 275 -21.55 -18.90 -37.84
CA LEU B 275 -21.09 -20.13 -37.35
C LEU B 275 -19.57 -20.20 -37.70
N VAL B 276 -18.76 -20.38 -36.66
CA VAL B 276 -17.33 -20.11 -36.75
C VAL B 276 -16.61 -21.26 -36.09
N MET B 277 -15.54 -21.72 -36.70
CA MET B 277 -14.61 -22.60 -36.01
C MET B 277 -13.14 -22.06 -35.89
N CYS B 278 -12.42 -22.49 -34.86
CA CYS B 278 -11.00 -22.24 -34.73
C CYS B 278 -10.23 -23.56 -34.93
N PRO B 279 -9.32 -23.56 -35.87
CA PRO B 279 -8.60 -24.78 -36.27
C PRO B 279 -7.55 -25.25 -35.24
N THR B 280 -7.13 -26.51 -35.26
CA THR B 280 -6.04 -26.88 -34.38
C THR B 280 -4.73 -26.28 -34.92
N GLU B 281 -4.63 -26.24 -36.24
CA GLU B 281 -3.43 -25.66 -36.87
C GLU B 281 -3.86 -24.22 -37.14
N TYR B 282 -3.70 -23.31 -36.17
CA TYR B 282 -4.30 -21.96 -36.25
C TYR B 282 -3.34 -20.82 -36.69
N ASN B 283 -2.11 -21.16 -37.04
CA ASN B 283 -1.13 -20.17 -37.49
C ASN B 283 -0.13 -20.97 -38.32
N LYS B 284 0.65 -20.33 -39.20
CA LYS B 284 1.50 -21.10 -40.14
C LYS B 284 2.56 -21.97 -39.47
N SER B 285 3.11 -21.52 -38.34
CA SER B 285 4.27 -22.25 -37.78
C SER B 285 3.83 -23.59 -37.14
N TRP B 286 2.55 -23.62 -36.77
CA TRP B 286 1.90 -24.77 -36.15
C TRP B 286 1.14 -25.61 -37.17
N SER B 287 1.22 -25.18 -38.40
CA SER B 287 0.54 -25.84 -39.50
C SER B 287 1.52 -26.74 -40.21
N ASN B 288 1.13 -27.98 -40.49
CA ASN B 288 2.02 -28.89 -41.19
C ASN B 288 1.85 -28.84 -42.71
N PRO B 289 2.80 -28.19 -43.36
CA PRO B 289 2.76 -28.00 -44.81
C PRO B 289 2.62 -29.32 -45.58
N ASN B 290 3.04 -30.42 -44.98
CA ASN B 290 3.05 -31.72 -45.66
C ASN B 290 1.94 -32.63 -45.16
N GLY B 291 1.14 -32.12 -44.25
CA GLY B 291 0.04 -32.86 -43.66
C GLY B 291 -1.25 -32.36 -44.25
N ASN B 292 -2.35 -33.04 -44.00
CA ASN B 292 -3.51 -32.72 -44.78
C ASN B 292 -4.52 -31.90 -44.03
N TYR B 293 -4.11 -31.40 -42.88
CA TYR B 293 -5.03 -30.76 -41.98
C TYR B 293 -5.78 -29.58 -42.61
N LEU B 294 -5.06 -28.56 -43.05
CA LEU B 294 -5.74 -27.35 -43.49
C LEU B 294 -6.43 -27.52 -44.83
N THR B 295 -5.88 -28.37 -45.71
CA THR B 295 -6.53 -28.60 -46.97
C THR B 295 -7.81 -29.45 -46.76
N THR B 296 -7.76 -30.40 -45.83
CA THR B 296 -8.93 -31.23 -45.57
C THR B 296 -10.01 -30.27 -45.06
N LEU B 297 -9.61 -29.25 -44.33
CA LEU B 297 -10.63 -28.36 -43.75
C LEU B 297 -11.25 -27.42 -44.78
N GLY B 298 -10.42 -26.71 -45.53
CA GLY B 298 -10.88 -25.95 -46.68
C GLY B 298 -11.79 -26.67 -47.67
N ASP B 299 -11.45 -27.92 -48.01
CA ASP B 299 -12.26 -28.74 -48.90
C ASP B 299 -13.60 -29.21 -48.31
N LYS B 300 -13.59 -29.64 -47.06
CA LYS B 300 -14.75 -30.32 -46.50
C LYS B 300 -15.73 -29.39 -45.74
N LEU B 301 -15.27 -28.29 -45.15
CA LEU B 301 -16.21 -27.40 -44.43
C LEU B 301 -17.16 -26.66 -45.34
N ASN B 302 -18.44 -26.70 -44.98
CA ASN B 302 -19.47 -25.99 -45.73
C ASN B 302 -19.02 -24.55 -45.94
N PRO B 303 -19.40 -23.96 -47.09
CA PRO B 303 -18.79 -22.72 -47.48
C PRO B 303 -19.22 -21.55 -46.58
N SER B 304 -20.33 -21.64 -45.86
CA SER B 304 -20.73 -20.52 -44.96
C SER B 304 -20.08 -20.56 -43.58
N ILE B 305 -19.38 -21.63 -43.29
CA ILE B 305 -18.68 -21.74 -42.00
C ILE B 305 -17.32 -20.93 -42.00
N GLN B 306 -17.14 -20.07 -41.03
CA GLN B 306 -15.90 -19.27 -40.92
C GLN B 306 -14.72 -20.09 -40.30
N ILE B 307 -13.51 -19.85 -40.79
CA ILE B 307 -12.34 -20.41 -40.17
C ILE B 307 -11.39 -19.36 -39.68
N MET B 308 -11.01 -19.52 -38.41
CA MET B 308 -10.17 -18.56 -37.68
C MET B 308 -8.64 -18.79 -37.91
N TRP B 309 -7.83 -17.75 -37.74
CA TRP B 309 -6.37 -17.75 -38.06
C TRP B 309 -5.68 -16.61 -37.34
N THR B 310 -4.52 -16.96 -36.78
CA THR B 310 -3.76 -15.99 -35.98
C THR B 310 -2.57 -15.42 -36.73
N GLY B 311 -2.09 -16.13 -37.79
CA GLY B 311 -1.20 -15.52 -38.73
C GLY B 311 -0.05 -16.47 -38.98
N ASP B 312 1.13 -15.92 -39.29
CA ASP B 312 2.32 -16.74 -39.62
C ASP B 312 2.81 -17.41 -38.34
N ARG B 313 2.43 -16.83 -37.20
CA ARG B 313 2.96 -17.35 -35.95
C ARG B 313 1.92 -17.28 -34.88
N VAL B 314 2.23 -17.93 -33.75
CA VAL B 314 1.30 -18.05 -32.67
C VAL B 314 0.87 -16.61 -32.33
N ILE B 315 1.81 -15.68 -32.18
CA ILE B 315 1.38 -14.24 -32.14
C ILE B 315 2.02 -13.57 -33.34
N SER B 316 1.21 -12.94 -34.20
CA SER B 316 1.71 -12.17 -35.33
C SER B 316 0.74 -11.09 -35.78
N ASP B 317 1.25 -10.15 -36.58
CA ASP B 317 0.45 -9.18 -37.31
C ASP B 317 0.15 -9.73 -38.72
N ILE B 318 -0.98 -9.30 -39.31
CA ILE B 318 -1.42 -9.96 -40.57
C ILE B 318 -0.81 -9.27 -41.79
N THR B 319 -0.12 -10.04 -42.64
CA THR B 319 0.52 -9.53 -43.86
C THR B 319 -0.24 -9.99 -45.10
N ARG B 320 0.02 -9.35 -46.23
CA ARG B 320 -0.54 -9.77 -47.50
C ARG B 320 -0.09 -11.15 -47.90
N ASP B 321 1.21 -11.43 -47.85
CA ASP B 321 1.68 -12.77 -48.16
C ASP B 321 1.11 -13.78 -47.17
N GLY B 322 0.89 -13.36 -45.93
CA GLY B 322 0.39 -14.23 -44.88
C GLY B 322 -1.03 -14.66 -45.10
N ILE B 323 -1.88 -13.71 -45.46
CA ILE B 323 -3.31 -13.95 -45.60
C ILE B 323 -3.58 -14.74 -46.88
N SER B 324 -2.78 -14.49 -47.92
CA SER B 324 -2.84 -15.22 -49.17
C SER B 324 -2.53 -16.67 -48.94
N TRP B 325 -1.54 -16.92 -48.09
CA TRP B 325 -1.06 -18.28 -47.86
C TRP B 325 -2.17 -19.14 -47.23
N ILE B 326 -2.89 -18.59 -46.25
CA ILE B 326 -3.93 -19.34 -45.56
C ILE B 326 -5.20 -19.45 -46.42
N ASN B 327 -5.60 -18.35 -47.07
CA ASN B 327 -6.78 -18.32 -47.92
C ASN B 327 -6.72 -19.37 -49.03
N GLU B 328 -5.58 -19.48 -49.68
CA GLU B 328 -5.40 -20.50 -50.70
C GLU B 328 -5.66 -21.92 -50.16
N ARG B 329 -5.47 -22.15 -48.86
CA ARG B 329 -5.61 -23.51 -48.35
C ARG B 329 -7.02 -23.82 -47.84
N ILE B 330 -7.66 -22.82 -47.24
CA ILE B 330 -8.97 -23.00 -46.62
C ILE B 330 -10.12 -22.66 -47.56
N LYS B 331 -9.76 -22.13 -48.73
CA LYS B 331 -10.67 -21.84 -49.87
C LYS B 331 -11.73 -20.79 -49.54
N ARG B 332 -11.39 -19.84 -48.67
CA ARG B 332 -12.31 -18.78 -48.23
C ARG B 332 -11.50 -17.69 -47.49
N PRO B 333 -12.04 -16.46 -47.37
CA PRO B 333 -11.20 -15.49 -46.67
C PRO B 333 -11.14 -15.84 -45.16
N ALA B 334 -9.93 -15.86 -44.58
CA ALA B 334 -9.71 -16.10 -43.14
C ALA B 334 -10.43 -15.10 -42.26
N TYR B 335 -10.97 -15.64 -41.17
CA TYR B 335 -11.56 -14.85 -40.10
C TYR B 335 -10.46 -14.65 -39.00
N ILE B 336 -9.87 -13.46 -38.94
CA ILE B 336 -8.68 -13.26 -38.12
C ILE B 336 -8.91 -13.25 -36.60
N TRP B 337 -8.13 -14.07 -35.91
CA TRP B 337 -8.02 -14.07 -34.46
C TRP B 337 -6.71 -13.39 -34.12
N TRP B 338 -6.74 -12.10 -33.80
CA TRP B 338 -5.52 -11.38 -33.53
C TRP B 338 -5.10 -11.44 -32.07
N ASN B 339 -3.93 -12.00 -31.81
CA ASN B 339 -3.48 -12.20 -30.45
C ASN B 339 -2.77 -10.99 -29.84
N PHE B 340 -3.49 -9.89 -29.71
CA PHE B 340 -2.99 -8.74 -29.07
C PHE B 340 -4.27 -7.92 -28.69
N PRO B 341 -4.34 -7.40 -27.48
CA PRO B 341 -3.24 -7.34 -26.49
C PRO B 341 -3.14 -8.47 -25.48
N VAL B 342 -3.72 -9.62 -25.78
CA VAL B 342 -3.69 -10.74 -24.87
C VAL B 342 -2.31 -10.86 -24.21
N SER B 343 -2.29 -11.05 -22.89
CA SER B 343 -1.01 -11.04 -22.19
C SER B 343 -0.93 -12.29 -21.36
N ASP B 344 -1.68 -13.32 -21.74
CA ASP B 344 -1.86 -14.44 -20.81
C ASP B 344 -0.60 -15.26 -20.72
N TYR B 345 0.40 -14.90 -21.51
CA TYR B 345 1.68 -15.63 -21.54
C TYR B 345 2.83 -14.70 -21.07
N VAL B 346 2.51 -13.45 -20.76
CA VAL B 346 3.43 -12.44 -20.17
C VAL B 346 2.63 -11.66 -19.10
N ARG B 347 2.18 -12.42 -18.10
CA ARG B 347 1.15 -11.90 -17.20
C ARG B 347 1.63 -10.82 -16.23
N ASP B 348 2.95 -10.66 -16.10
CA ASP B 348 3.54 -9.53 -15.34
C ASP B 348 3.59 -8.18 -16.10
N HIS B 349 3.19 -8.20 -17.37
CA HIS B 349 3.17 -6.97 -18.18
C HIS B 349 1.79 -6.52 -18.49
N LEU B 350 1.59 -5.21 -18.52
CA LEU B 350 0.42 -4.67 -19.22
C LEU B 350 0.78 -4.27 -20.65
N LEU B 351 -0.06 -4.56 -21.64
CA LEU B 351 0.20 -4.12 -23.06
C LEU B 351 -0.75 -3.01 -23.48
N LEU B 352 -0.28 -1.76 -23.37
CA LEU B 352 -1.17 -0.60 -23.39
C LEU B 352 -0.74 0.24 -24.54
N GLY B 353 0.17 -0.31 -25.37
CA GLY B 353 0.60 0.42 -26.59
C GLY B 353 -0.42 0.53 -27.73
N PRO B 354 -0.04 1.27 -28.81
CA PRO B 354 -0.90 1.37 -29.99
C PRO B 354 -1.08 0.05 -30.73
N VAL B 355 -2.15 -0.04 -31.49
CA VAL B 355 -2.34 -1.19 -32.38
C VAL B 355 -1.65 -0.89 -33.70
N TYR B 356 -0.78 -1.80 -34.15
CA TYR B 356 -0.05 -1.58 -35.40
C TYR B 356 0.51 -2.89 -35.97
N GLY B 357 0.93 -2.85 -37.23
CA GLY B 357 1.66 -3.96 -37.87
C GLY B 357 0.82 -4.80 -38.82
N ASN B 358 -0.50 -4.65 -38.73
CA ASN B 358 -1.43 -5.27 -39.68
C ASN B 358 -1.53 -4.51 -41.00
N ASP B 359 -1.31 -5.22 -42.11
CA ASP B 359 -1.46 -4.66 -43.44
C ASP B 359 -2.82 -3.95 -43.58
N THR B 360 -2.79 -2.74 -44.08
CA THR B 360 -3.98 -1.94 -44.14
C THR B 360 -4.67 -2.02 -45.52
N THR B 361 -4.18 -2.87 -46.42
CA THR B 361 -4.71 -2.96 -47.81
C THR B 361 -5.42 -4.31 -48.13
N ILE B 362 -5.64 -5.15 -47.12
CA ILE B 362 -6.07 -6.53 -47.34
C ILE B 362 -7.49 -6.81 -46.81
N ALA B 363 -8.27 -5.76 -46.62
CA ALA B 363 -9.68 -5.92 -46.21
C ALA B 363 -10.42 -7.06 -46.97
N LYS B 364 -10.33 -7.04 -48.31
CA LYS B 364 -10.99 -8.05 -49.15
C LYS B 364 -10.61 -9.46 -48.76
N GLU B 365 -9.44 -9.66 -48.12
CA GLU B 365 -8.89 -11.01 -47.94
C GLU B 365 -9.23 -11.65 -46.60
N MET B 366 -10.00 -10.95 -45.78
CA MET B 366 -10.41 -11.46 -44.48
C MET B 366 -11.93 -11.34 -44.30
N SER B 367 -12.54 -12.35 -43.69
CA SER B 367 -13.98 -12.39 -43.43
C SER B 367 -14.31 -11.60 -42.17
N GLY B 368 -13.34 -11.56 -41.26
CA GLY B 368 -13.49 -11.00 -39.93
C GLY B 368 -12.15 -10.66 -39.29
N PHE B 369 -12.21 -9.80 -38.29
CA PHE B 369 -11.04 -9.44 -37.53
C PHE B 369 -11.49 -9.23 -36.11
N VAL B 370 -11.02 -10.14 -35.26
CA VAL B 370 -11.25 -10.03 -33.80
C VAL B 370 -9.98 -9.96 -32.98
N THR B 371 -10.03 -9.13 -31.94
CA THR B 371 -8.89 -9.06 -31.00
C THR B 371 -9.08 -9.97 -29.76
N ASN B 372 -8.08 -10.82 -29.47
CA ASN B 372 -8.02 -11.53 -28.18
C ASN B 372 -7.33 -10.60 -27.14
N PRO B 373 -8.07 -10.15 -26.12
CA PRO B 373 -7.53 -9.13 -25.25
C PRO B 373 -6.87 -9.68 -23.96
N MET B 374 -6.54 -8.73 -23.06
CA MET B 374 -5.96 -9.06 -21.75
C MET B 374 -7.14 -9.47 -20.80
N GLU B 375 -6.85 -10.23 -19.77
CA GLU B 375 -7.81 -10.43 -18.65
C GLU B 375 -8.18 -9.10 -17.97
N HIS B 376 -7.42 -8.02 -18.24
CA HIS B 376 -7.71 -6.68 -17.69
C HIS B 376 -8.63 -6.01 -18.72
N ALA B 377 -9.93 -6.11 -18.47
CA ALA B 377 -10.94 -5.71 -19.46
C ALA B 377 -10.88 -4.23 -19.85
N GLU B 378 -10.96 -3.32 -18.88
CA GLU B 378 -10.94 -1.87 -19.19
C GLU B 378 -9.65 -1.48 -19.88
N SER B 379 -8.52 -2.04 -19.41
CA SER B 379 -7.21 -1.70 -19.94
C SER B 379 -7.14 -2.05 -21.43
N SER B 380 -7.97 -3.02 -21.80
CA SER B 380 -7.87 -3.72 -23.11
C SER B 380 -8.62 -2.86 -24.09
N LYS B 381 -9.37 -1.87 -23.57
CA LYS B 381 -10.09 -1.00 -24.43
C LYS B 381 -9.26 -0.11 -25.34
N ILE B 382 -8.01 0.17 -24.97
CA ILE B 382 -7.14 0.97 -25.80
C ILE B 382 -6.97 0.26 -27.16
N ALA B 383 -6.60 -1.01 -27.10
CA ALA B 383 -6.40 -1.80 -28.27
C ALA B 383 -7.74 -2.10 -28.99
N ILE B 384 -8.80 -2.32 -28.22
CA ILE B 384 -10.09 -2.68 -28.80
C ILE B 384 -10.67 -1.54 -29.62
N TYR B 385 -10.59 -0.34 -29.06
CA TYR B 385 -11.02 0.87 -29.75
C TYR B 385 -10.22 0.99 -31.03
N SER B 386 -8.92 0.76 -30.92
CA SER B 386 -8.05 0.87 -32.07
C SER B 386 -8.38 -0.16 -33.13
N VAL B 387 -8.62 -1.39 -32.72
CA VAL B 387 -9.03 -2.44 -33.65
C VAL B 387 -10.34 -2.09 -34.33
N ALA B 388 -11.33 -1.65 -33.57
CA ALA B 388 -12.59 -1.20 -34.14
C ALA B 388 -12.34 -0.24 -35.31
N SER B 389 -11.41 0.70 -35.10
CA SER B 389 -11.08 1.73 -36.08
C SER B 389 -10.38 1.04 -37.28
N TYR B 390 -9.46 0.11 -36.97
CA TYR B 390 -8.74 -0.49 -38.05
C TYR B 390 -9.65 -1.35 -38.94
N ALA B 391 -10.49 -2.20 -38.34
CA ALA B 391 -11.30 -3.17 -39.11
C ALA B 391 -12.37 -2.51 -39.95
N TRP B 392 -12.92 -1.39 -39.44
CA TRP B 392 -13.93 -0.63 -40.14
C TRP B 392 -13.40 0.17 -41.35
N ASN B 393 -12.28 0.89 -41.18
CA ASN B 393 -11.62 1.68 -42.24
C ASN B 393 -10.10 1.47 -42.27
N PRO B 394 -9.64 0.29 -42.73
CA PRO B 394 -8.19 0.05 -42.67
C PRO B 394 -7.36 0.98 -43.54
N ALA B 395 -7.92 1.46 -44.64
CA ALA B 395 -7.19 2.33 -45.56
C ALA B 395 -6.82 3.64 -44.89
N LYS B 396 -7.64 4.10 -43.96
CA LYS B 396 -7.39 5.33 -43.26
C LYS B 396 -6.88 5.12 -41.84
N TYR B 397 -6.46 3.90 -41.51
CA TYR B 397 -6.03 3.62 -40.14
C TYR B 397 -4.78 4.40 -39.71
N ASP B 398 -4.96 5.21 -38.67
CA ASP B 398 -3.90 6.03 -38.12
C ASP B 398 -3.49 5.53 -36.74
N THR B 399 -2.37 4.83 -36.69
CA THR B 399 -1.92 4.15 -35.48
C THR B 399 -1.90 5.04 -34.21
N TRP B 400 -1.12 6.12 -34.26
CA TRP B 400 -0.91 6.94 -33.09
C TRP B 400 -2.12 7.78 -32.72
N GLN B 401 -2.74 8.39 -33.72
CA GLN B 401 -3.91 9.23 -33.48
C GLN B 401 -5.07 8.41 -32.90
N THR B 402 -5.19 7.14 -33.32
CA THR B 402 -6.25 6.24 -32.80
C THR B 402 -6.01 5.81 -31.33
N TRP B 403 -4.77 5.46 -31.02
CA TRP B 403 -4.29 5.27 -29.66
C TRP B 403 -4.60 6.45 -28.75
N LYS B 404 -4.31 7.65 -29.22
CA LYS B 404 -4.59 8.87 -28.46
C LYS B 404 -6.09 9.08 -28.27
N ASP B 405 -6.84 8.85 -29.34
CA ASP B 405 -8.29 8.96 -29.29
C ASP B 405 -8.90 7.94 -28.33
N ALA B 406 -8.36 6.74 -28.31
CA ALA B 406 -8.84 5.73 -27.40
C ALA B 406 -8.68 6.20 -25.95
N ILE B 407 -7.53 6.74 -25.64
CA ILE B 407 -7.15 7.03 -24.30
C ILE B 407 -7.98 8.21 -23.81
N ARG B 408 -8.22 9.15 -24.69
CA ARG B 408 -9.01 10.33 -24.33
C ARG B 408 -10.50 9.94 -24.18
N THR B 409 -10.90 8.89 -24.86
CA THR B 409 -12.27 8.35 -24.71
C THR B 409 -12.46 7.58 -23.40
N ILE B 410 -11.50 6.72 -23.13
CA ILE B 410 -11.54 5.91 -21.94
C ILE B 410 -11.33 6.72 -20.62
N LEU B 411 -10.58 7.83 -20.67
CA LEU B 411 -10.28 8.55 -19.44
C LEU B 411 -10.09 10.00 -19.72
N PRO B 412 -11.16 10.67 -20.17
CA PRO B 412 -11.02 12.05 -20.58
C PRO B 412 -10.47 12.93 -19.46
N SER B 413 -10.72 12.56 -18.19
CA SER B 413 -10.35 13.44 -17.04
C SER B 413 -8.87 13.36 -16.78
N ALA B 414 -8.16 12.37 -17.32
CA ALA B 414 -6.72 12.35 -17.13
C ALA B 414 -6.01 11.65 -18.29
N ALA B 415 -6.32 12.06 -19.51
CA ALA B 415 -5.79 11.48 -20.76
C ALA B 415 -4.25 11.52 -20.88
N GLU B 416 -3.67 12.68 -20.63
CA GLU B 416 -2.20 12.86 -20.69
C GLU B 416 -1.51 11.95 -19.71
N GLU B 417 -2.01 11.91 -18.48
CA GLU B 417 -1.46 10.95 -17.50
C GLU B 417 -1.50 9.49 -17.96
N LEU B 418 -2.66 9.05 -18.47
CA LEU B 418 -2.77 7.66 -19.01
C LEU B 418 -1.88 7.43 -20.24
N GLU B 419 -1.77 8.46 -21.11
CA GLU B 419 -0.80 8.38 -22.23
C GLU B 419 0.62 8.09 -21.77
N CYS B 420 1.05 8.80 -20.74
CA CYS B 420 2.38 8.64 -20.16
C CYS B 420 2.56 7.23 -19.64
N PHE B 421 1.61 6.78 -18.84
CA PHE B 421 1.66 5.44 -18.30
C PHE B 421 1.71 4.41 -19.42
N ALA B 422 0.79 4.53 -20.37
CA ALA B 422 0.65 3.58 -21.46
C ALA B 422 1.88 3.46 -22.35
N MET B 423 2.48 4.61 -22.66
CA MET B 423 3.62 4.61 -23.56
C MET B 423 4.83 3.88 -23.01
N HIS B 424 4.91 3.76 -21.70
CA HIS B 424 6.02 3.06 -21.09
C HIS B 424 5.58 1.71 -20.59
N ASN B 425 4.43 1.26 -21.07
CA ASN B 425 3.88 -0.02 -20.69
C ASN B 425 3.27 -0.70 -21.90
N SER B 426 4.13 -1.16 -22.80
CA SER B 426 3.66 -1.60 -24.10
CA SER B 426 3.76 -1.49 -24.17
C SER B 426 4.42 -2.79 -24.65
N ASP B 427 5.66 -2.98 -24.29
CA ASP B 427 6.41 -4.19 -24.75
C ASP B 427 6.07 -5.38 -23.82
N LEU B 428 6.40 -6.58 -24.29
CA LEU B 428 6.02 -7.82 -23.65
C LEU B 428 7.19 -8.39 -22.84
N GLY B 429 8.38 -7.87 -23.14
CA GLY B 429 9.66 -8.41 -22.64
C GLY B 429 9.97 -9.68 -23.42
N PRO B 430 11.16 -10.29 -23.24
CA PRO B 430 11.34 -11.57 -23.91
C PRO B 430 10.28 -12.64 -23.58
N ASN B 431 9.97 -13.44 -24.59
CA ASN B 431 8.94 -14.48 -24.47
C ASN B 431 9.21 -15.51 -25.53
N GLY B 432 8.70 -16.72 -25.30
CA GLY B 432 8.93 -17.88 -26.20
C GLY B 432 8.29 -17.71 -27.59
N HIS B 433 7.40 -16.73 -27.74
CA HIS B 433 6.84 -16.44 -29.05
C HIS B 433 7.61 -15.39 -29.87
N GLY B 434 8.60 -14.73 -29.27
CA GLY B 434 9.41 -13.72 -29.97
C GLY B 434 8.61 -12.49 -30.41
N TYR B 435 7.46 -12.22 -29.81
CA TYR B 435 6.66 -11.09 -30.27
C TYR B 435 6.93 -9.93 -29.33
N ARG B 436 7.24 -8.76 -29.91
CA ARG B 436 7.63 -7.57 -29.15
C ARG B 436 6.86 -6.34 -29.66
N ARG B 437 6.69 -5.32 -28.81
CA ARG B 437 6.21 -4.03 -29.24
C ARG B 437 7.24 -2.95 -28.88
N GLU B 438 7.23 -1.87 -29.61
CA GLU B 438 8.05 -0.73 -29.24
C GLU B 438 7.51 -0.13 -27.95
N GLU B 439 8.36 0.64 -27.27
CA GLU B 439 8.09 1.27 -25.98
C GLU B 439 9.06 2.42 -25.73
N SER B 440 8.54 3.50 -25.14
CA SER B 440 9.33 4.63 -24.68
C SER B 440 10.15 5.22 -25.83
N MET B 441 9.55 5.25 -27.02
CA MET B 441 10.34 5.54 -28.22
C MET B 441 10.79 7.00 -28.33
N ASP B 442 9.93 7.88 -27.80
CA ASP B 442 10.24 9.30 -27.60
C ASP B 442 11.60 9.60 -26.90
N ILE B 443 11.92 8.87 -25.83
CA ILE B 443 13.11 9.14 -25.06
C ILE B 443 14.25 8.16 -25.36
N GLN B 444 14.01 7.16 -26.20
CA GLN B 444 15.05 6.14 -26.52
C GLN B 444 16.39 6.72 -27.04
N PRO B 445 16.34 7.72 -27.95
CA PRO B 445 17.61 8.26 -28.43
C PRO B 445 18.43 8.92 -27.31
N ALA B 446 17.76 9.75 -26.48
CA ALA B 446 18.44 10.42 -25.37
C ALA B 446 19.01 9.38 -24.41
N ALA B 447 18.21 8.37 -24.08
CA ALA B 447 18.65 7.29 -23.21
C ALA B 447 19.91 6.64 -23.76
N GLU B 448 19.88 6.21 -25.02
CA GLU B 448 21.01 5.51 -25.63
C GLU B 448 22.29 6.35 -25.73
N ARG B 449 22.14 7.65 -25.94
CA ARG B 449 23.27 8.56 -26.05
C ARG B 449 23.88 8.84 -24.68
N PHE B 450 22.99 9.03 -23.72
CA PHE B 450 23.39 9.26 -22.35
C PHE B 450 24.20 8.06 -21.89
N LEU B 451 23.67 6.87 -22.08
CA LEU B 451 24.34 5.68 -21.58
C LEU B 451 25.68 5.43 -22.26
N LYS B 452 25.71 5.52 -23.59
CA LYS B 452 26.91 5.22 -24.35
C LYS B 452 28.07 6.14 -23.97
N ALA B 453 27.77 7.43 -23.83
CA ALA B 453 28.75 8.39 -23.38
C ALA B 453 29.32 7.90 -22.07
N PHE B 454 28.44 7.78 -21.08
CA PHE B 454 28.87 7.34 -19.77
C PHE B 454 29.79 6.15 -19.65
N LYS B 455 29.33 5.00 -20.10
CA LYS B 455 30.13 3.80 -19.96
C LYS B 455 31.50 4.17 -20.50
N GLU B 456 31.51 4.74 -21.70
CA GLU B 456 32.74 5.03 -22.43
C GLU B 456 33.69 5.97 -21.70
N GLY B 457 33.13 6.94 -21.00
CA GLY B 457 33.94 7.93 -20.31
C GLY B 457 34.02 9.23 -21.07
N LYS B 458 32.97 9.53 -21.83
CA LYS B 458 32.87 10.80 -22.52
C LYS B 458 31.74 11.61 -21.89
N ASN B 459 31.77 12.92 -22.07
CA ASN B 459 30.77 13.77 -21.45
C ASN B 459 29.39 13.65 -22.10
N TYR B 460 28.36 13.61 -21.27
CA TYR B 460 27.00 13.47 -21.75
C TYR B 460 26.34 14.83 -21.91
N ASP B 461 25.36 14.90 -22.79
CA ASP B 461 24.66 16.14 -23.06
C ASP B 461 23.71 16.53 -21.94
N LYS B 462 23.79 17.76 -21.49
CA LYS B 462 22.92 18.21 -20.43
C LYS B 462 21.46 18.03 -20.82
N ALA B 463 21.18 18.22 -22.10
CA ALA B 463 19.81 18.14 -22.58
C ALA B 463 19.24 16.74 -22.43
N ASP B 464 20.08 15.73 -22.64
CA ASP B 464 19.68 14.35 -22.49
C ASP B 464 19.44 14.01 -21.02
N PHE B 465 20.19 14.66 -20.14
CA PHE B 465 20.04 14.49 -18.70
C PHE B 465 18.72 15.10 -18.25
N GLU B 466 18.39 16.27 -18.77
CA GLU B 466 17.16 16.94 -18.39
C GLU B 466 15.92 16.23 -18.90
N THR B 467 16.03 15.68 -20.10
CA THR B 467 14.95 14.93 -20.69
C THR B 467 14.64 13.70 -19.83
N LEU B 468 15.67 13.00 -19.37
CA LEU B 468 15.50 11.85 -18.49
C LEU B 468 14.85 12.28 -17.16
N GLN B 469 15.34 13.38 -16.62
CA GLN B 469 14.74 14.03 -15.45
C GLN B 469 13.27 14.44 -15.69
N TYR B 470 12.97 15.13 -16.79
CA TYR B 470 11.58 15.52 -17.09
C TYR B 470 10.62 14.31 -17.12
N THR B 471 11.09 13.23 -17.74
CA THR B 471 10.38 11.97 -17.84
C THR B 471 10.04 11.38 -16.49
N PHE B 472 11.05 11.26 -15.60
CA PHE B 472 10.80 10.70 -14.26
C PHE B 472 9.77 11.57 -13.51
N GLU B 473 9.88 12.87 -13.68
CA GLU B 473 8.97 13.78 -13.00
C GLU B 473 7.53 13.55 -13.47
N ARG B 474 7.38 13.38 -14.78
CA ARG B 474 6.09 13.22 -15.40
C ARG B 474 5.48 11.85 -15.04
N MET B 475 6.28 10.79 -15.11
CA MET B 475 5.87 9.50 -14.60
C MET B 475 5.25 9.62 -13.16
N LYS B 476 5.90 10.34 -12.25
CA LYS B 476 5.39 10.40 -10.89
C LYS B 476 4.04 11.17 -10.81
N GLU B 477 3.93 12.28 -11.52
CA GLU B 477 2.65 13.01 -11.54
C GLU B 477 1.55 12.13 -12.16
N SER B 478 1.88 11.37 -13.22
CA SER B 478 0.94 10.50 -13.88
C SER B 478 0.49 9.36 -12.94
N ALA B 479 1.45 8.63 -12.36
CA ALA B 479 1.15 7.58 -11.38
C ALA B 479 0.22 8.02 -10.24
N ASP B 480 0.48 9.17 -9.65
CA ASP B 480 -0.26 9.58 -8.50
C ASP B 480 -1.64 10.11 -8.86
N ILE B 481 -1.78 10.71 -10.05
CA ILE B 481 -3.06 11.22 -10.50
C ILE B 481 -3.95 10.02 -10.90
N LEU B 482 -3.37 9.06 -11.59
CA LEU B 482 -4.10 7.87 -11.95
C LEU B 482 -4.59 7.09 -10.72
N LEU B 483 -3.71 6.92 -9.72
CA LEU B 483 -4.05 6.21 -8.50
C LEU B 483 -5.33 6.75 -7.90
N MET B 484 -5.53 8.05 -8.01
CA MET B 484 -6.64 8.71 -7.31
C MET B 484 -7.86 9.02 -8.20
N ASN B 485 -7.79 8.58 -9.45
CA ASN B 485 -8.85 8.95 -10.40
C ASN B 485 -10.14 8.19 -10.12
N THR B 486 -11.26 8.89 -10.02
CA THR B 486 -12.55 8.22 -9.81
C THR B 486 -13.57 8.20 -10.99
N GLU B 487 -13.15 8.60 -12.19
CA GLU B 487 -13.99 8.58 -13.39
C GLU B 487 -14.11 7.13 -13.91
N ASN B 488 -13.03 6.40 -13.82
CA ASN B 488 -13.03 5.00 -14.25
C ASN B 488 -12.34 4.06 -13.24
N LYS B 489 -13.08 3.75 -12.17
CA LYS B 489 -12.56 2.93 -11.07
C LYS B 489 -12.07 1.57 -11.54
N PRO B 490 -12.84 0.84 -12.40
CA PRO B 490 -12.42 -0.54 -12.73
C PRO B 490 -11.10 -0.55 -13.41
N LEU B 491 -10.87 0.49 -14.23
CA LEU B 491 -9.56 0.66 -14.88
C LEU B 491 -8.44 0.83 -13.84
N ILE B 492 -8.66 1.75 -12.93
CA ILE B 492 -7.69 2.05 -11.87
C ILE B 492 -7.38 0.83 -11.02
N VAL B 493 -8.43 0.10 -10.62
CA VAL B 493 -8.27 -1.14 -9.89
C VAL B 493 -7.38 -2.08 -10.70
N GLU B 494 -7.65 -2.23 -11.99
CA GLU B 494 -6.86 -3.19 -12.79
C GLU B 494 -5.37 -2.80 -12.85
N ILE B 495 -5.10 -1.51 -13.08
CA ILE B 495 -3.74 -1.05 -13.27
C ILE B 495 -2.94 -0.75 -11.99
N THR B 496 -3.61 -0.48 -10.87
CA THR B 496 -2.94 -0.08 -9.62
C THR B 496 -1.59 -0.73 -9.26
N PRO B 497 -1.46 -2.07 -9.34
CA PRO B 497 -0.16 -2.61 -9.01
C PRO B 497 0.94 -2.10 -9.93
N TRP B 498 0.73 -2.12 -11.24
CA TRP B 498 1.67 -1.50 -12.19
C TRP B 498 1.92 -0.01 -11.98
N VAL B 499 0.86 0.73 -11.64
CA VAL B 499 1.03 2.13 -11.28
C VAL B 499 2.01 2.43 -10.10
N HIS B 500 1.88 1.64 -9.01
CA HIS B 500 2.81 1.69 -7.85
C HIS B 500 4.25 1.44 -8.29
N GLN B 501 4.43 0.42 -9.10
CA GLN B 501 5.73 0.02 -9.62
C GLN B 501 6.33 1.06 -10.57
N PHE B 502 5.47 1.65 -11.38
CA PHE B 502 5.82 2.69 -12.31
C PHE B 502 6.32 3.92 -11.54
N LYS B 503 5.61 4.35 -10.46
CA LYS B 503 6.08 5.44 -9.59
C LYS B 503 7.45 5.11 -8.96
N LEU B 504 7.60 3.90 -8.46
CA LEU B 504 8.88 3.47 -7.92
C LEU B 504 10.03 3.58 -8.91
N THR B 505 9.80 3.16 -10.16
CA THR B 505 10.82 3.09 -11.18
C THR B 505 11.30 4.53 -11.40
N ALA B 506 10.34 5.43 -11.45
CA ALA B 506 10.61 6.83 -11.68
C ALA B 506 11.41 7.46 -10.54
N GLU B 507 10.99 7.17 -9.28
CA GLU B 507 11.76 7.66 -8.12
C GLU B 507 13.18 7.08 -8.14
N MET B 508 13.31 5.82 -8.47
CA MET B 508 14.63 5.25 -8.58
C MET B 508 15.47 6.04 -9.59
N GLY B 509 14.87 6.35 -10.74
CA GLY B 509 15.53 7.08 -11.82
C GLY B 509 16.05 8.45 -11.38
N GLU B 510 15.22 9.18 -10.65
CA GLU B 510 15.56 10.48 -10.07
C GLU B 510 16.80 10.38 -9.16
N GLU B 511 16.82 9.37 -8.31
CA GLU B 511 17.85 9.26 -7.31
C GLU B 511 19.14 8.87 -7.97
N VAL B 512 19.05 8.03 -9.01
CA VAL B 512 20.21 7.56 -9.77
C VAL B 512 20.81 8.73 -10.56
N LEU B 513 19.96 9.61 -11.07
CA LEU B 513 20.43 10.80 -11.74
C LEU B 513 21.19 11.70 -10.77
N LYS B 514 20.72 11.74 -9.53
CA LYS B 514 21.42 12.41 -8.46
C LYS B 514 22.76 11.75 -8.14
N MET B 515 22.83 10.43 -8.15
CA MET B 515 24.14 9.81 -7.98
C MET B 515 25.19 10.21 -9.06
N VAL B 516 24.74 10.37 -10.30
CA VAL B 516 25.59 10.82 -11.42
C VAL B 516 26.11 12.23 -11.15
N GLU B 517 25.21 13.09 -10.69
CA GLU B 517 25.56 14.43 -10.24
C GLU B 517 26.34 14.39 -8.93
N ARG B 519 27.81 14.82 -5.98
CA ARG B 519 28.47 16.10 -5.69
C ARG B 519 29.52 16.05 -4.56
N ASN B 520 29.30 15.20 -3.56
CA ASN B 520 30.29 14.83 -2.54
C ASN B 520 30.03 13.41 -2.05
N GLU B 521 30.97 12.85 -1.33
CA GLU B 521 30.92 11.43 -0.94
C GLU B 521 29.66 11.06 -0.16
N SER B 522 29.28 11.89 0.81
CA SER B 522 28.17 11.56 1.67
C SER B 522 26.79 11.73 1.00
N TYR B 523 26.62 12.76 0.17
CA TYR B 523 25.41 12.90 -0.64
C TYR B 523 25.22 11.67 -1.51
N PHE B 524 26.31 11.22 -2.14
CA PHE B 524 26.26 10.03 -2.97
C PHE B 524 25.80 8.83 -2.17
N LEU B 525 26.25 8.71 -0.93
CA LEU B 525 25.89 7.54 -0.16
C LEU B 525 24.45 7.57 0.32
N ARG B 526 23.93 8.78 0.57
CA ARG B 526 22.51 8.91 0.88
C ARG B 526 21.68 8.46 -0.32
N LYS B 527 22.06 8.93 -1.52
CA LYS B 527 21.32 8.55 -2.73
C LYS B 527 21.42 7.07 -2.98
N TYR B 528 22.60 6.50 -2.83
CA TYR B 528 22.78 5.09 -3.07
C TYR B 528 21.96 4.24 -2.12
N ASN B 529 21.88 4.63 -0.85
CA ASN B 529 21.07 3.88 0.10
C ASN B 529 19.60 4.01 -0.22
N HIS B 530 19.20 5.18 -0.75
CA HIS B 530 17.80 5.39 -1.09
C HIS B 530 17.41 4.47 -2.24
N VAL B 531 18.31 4.38 -3.23
CA VAL B 531 18.14 3.45 -4.35
C VAL B 531 17.97 2.00 -3.90
N LYS B 532 18.84 1.52 -3.02
CA LYS B 532 18.70 0.17 -2.46
C LYS B 532 17.31 -0.07 -1.86
N ALA B 533 16.82 0.90 -1.09
CA ALA B 533 15.50 0.82 -0.47
C ALA B 533 14.41 0.75 -1.54
N LEU B 534 14.56 1.56 -2.59
CA LEU B 534 13.56 1.62 -3.64
C LEU B 534 13.56 0.31 -4.47
N GLN B 535 14.73 -0.31 -4.64
CA GLN B 535 14.82 -1.63 -5.26
C GLN B 535 14.09 -2.70 -4.42
N GLN B 536 14.23 -2.58 -3.10
CA GLN B 536 13.58 -3.51 -2.22
C GLN B 536 12.09 -3.42 -2.29
N GLN B 537 11.58 -2.18 -2.35
CA GLN B 537 10.13 -1.96 -2.48
C GLN B 537 9.58 -2.55 -3.79
N MET B 538 10.34 -2.39 -4.88
CA MET B 538 9.96 -2.96 -6.15
C MET B 538 9.88 -4.46 -6.06
N PHE B 539 10.88 -5.10 -5.43
CA PHE B 539 10.84 -6.55 -5.15
C PHE B 539 9.60 -6.92 -4.36
N TYR B 540 9.30 -6.18 -3.31
CA TYR B 540 8.09 -6.42 -2.54
C TYR B 540 6.81 -6.42 -3.38
N ILE B 541 6.59 -5.37 -4.17
CA ILE B 541 5.51 -5.39 -5.13
C ILE B 541 5.54 -6.63 -6.07
N ASP B 542 6.71 -6.97 -6.61
CA ASP B 542 6.84 -8.07 -7.54
C ASP B 542 6.53 -9.42 -6.89
N GLN B 543 6.60 -9.50 -5.55
CA GLN B 543 6.41 -10.77 -4.84
C GLN B 543 5.05 -10.95 -4.21
N THR B 544 4.29 -9.88 -4.14
CA THR B 544 3.00 -9.91 -3.45
C THR B 544 1.81 -9.52 -4.34
N SER B 545 2.05 -8.73 -5.39
CA SER B 545 1.01 -8.37 -6.34
C SER B 545 0.96 -9.36 -7.50
N ASN B 546 -0.25 -9.61 -8.01
CA ASN B 546 -0.47 -10.41 -9.23
C ASN B 546 0.30 -11.74 -9.24
N GLN B 547 0.13 -12.53 -8.18
CA GLN B 547 0.88 -13.77 -8.00
C GLN B 547 0.24 -15.01 -8.61
N ASN B 548 0.38 -15.16 -9.92
CA ASN B 548 -0.27 -16.19 -10.70
C ASN B 548 0.78 -17.24 -11.00
N PRO B 549 0.41 -18.47 -11.41
CA PRO B 549 1.40 -19.55 -11.44
C PRO B 549 2.35 -19.53 -12.65
N TYR B 550 2.15 -18.55 -13.51
CA TYR B 550 2.82 -18.57 -14.82
C TYR B 550 3.86 -17.44 -14.91
N GLN B 551 3.44 -16.17 -14.86
CA GLN B 551 4.41 -15.06 -14.80
C GLN B 551 3.97 -14.09 -13.70
N PRO B 552 4.24 -14.43 -12.42
CA PRO B 552 3.76 -13.65 -11.27
C PRO B 552 4.48 -12.30 -11.18
N GLY B 553 3.84 -11.32 -10.57
CA GLY B 553 4.48 -10.05 -10.36
C GLY B 553 4.13 -8.91 -11.29
N VAL B 554 4.95 -7.89 -11.25
CA VAL B 554 4.58 -6.63 -11.84
C VAL B 554 5.85 -6.03 -12.45
N LYS B 555 5.99 -6.17 -13.78
CA LYS B 555 7.04 -5.48 -14.53
C LYS B 555 6.50 -4.23 -15.23
N THR B 556 7.29 -3.17 -15.28
CA THR B 556 6.87 -1.94 -15.95
C THR B 556 8.04 -1.16 -16.55
N ALA B 557 7.75 -0.32 -17.54
CA ALA B 557 8.80 0.45 -18.25
C ALA B 557 10.05 -0.41 -18.55
N THR B 558 9.84 -1.63 -19.04
CA THR B 558 10.95 -2.59 -19.07
C THR B 558 11.86 -2.49 -20.27
N ARG B 559 11.43 -1.78 -21.32
CA ARG B 559 12.19 -1.94 -22.58
C ARG B 559 13.37 -1.01 -22.63
N VAL B 560 13.15 0.22 -22.19
CA VAL B 560 14.15 1.28 -22.26
C VAL B 560 14.44 1.88 -20.85
N ILE B 561 13.41 2.28 -20.11
CA ILE B 561 13.61 3.01 -18.87
C ILE B 561 14.33 2.23 -17.75
N LYS B 562 13.84 1.03 -17.43
CA LYS B 562 14.41 0.28 -16.35
C LYS B 562 15.81 -0.16 -16.69
N PRO B 563 16.07 -0.60 -17.95
CA PRO B 563 17.47 -0.97 -18.17
C PRO B 563 18.43 0.23 -18.06
N LEU B 564 18.01 1.40 -18.54
CA LEU B 564 18.81 2.61 -18.41
C LEU B 564 19.11 2.96 -16.92
N ILE B 565 18.08 2.96 -16.09
CA ILE B 565 18.25 3.21 -14.68
C ILE B 565 19.22 2.19 -14.09
N ASP B 566 19.01 0.93 -14.42
CA ASP B 566 19.84 -0.12 -13.87
C ASP B 566 21.28 0.03 -14.29
N ARG B 567 21.52 0.27 -15.57
CA ARG B 567 22.89 0.25 -16.08
C ARG B 567 23.66 1.50 -15.60
N THR B 568 22.96 2.62 -15.48
CA THR B 568 23.50 3.85 -14.94
C THR B 568 23.88 3.67 -13.48
N PHE B 569 23.04 2.97 -12.73
CA PHE B 569 23.33 2.64 -11.34
C PHE B 569 24.61 1.82 -11.26
N ALA B 570 24.71 0.71 -12.00
CA ALA B 570 25.93 -0.11 -11.95
C ALA B 570 27.14 0.72 -12.30
N THR B 571 26.98 1.62 -13.28
CA THR B 571 28.13 2.38 -13.80
C THR B 571 28.64 3.37 -12.77
N VAL B 572 27.74 4.16 -12.14
CA VAL B 572 28.20 5.18 -11.18
C VAL B 572 28.73 4.57 -9.88
N VAL B 573 28.20 3.40 -9.49
CA VAL B 573 28.66 2.67 -8.33
C VAL B 573 30.07 2.18 -8.57
N LYS B 574 30.32 1.62 -9.76
CA LYS B 574 31.65 1.19 -10.19
C LYS B 574 32.67 2.33 -10.10
N PHE B 575 32.30 3.49 -10.64
CA PHE B 575 33.22 4.62 -10.63
C PHE B 575 33.47 5.15 -9.22
N PHE B 576 32.44 5.12 -8.36
CA PHE B 576 32.60 5.53 -6.95
C PHE B 576 33.55 4.58 -6.23
N ASN B 577 33.38 3.28 -6.46
CA ASN B 577 34.29 2.26 -5.96
C ASN B 577 35.77 2.36 -6.43
N GLN B 578 35.98 2.81 -7.67
CA GLN B 578 37.33 3.07 -8.16
C GLN B 578 37.91 4.31 -7.52
N LYS B 579 37.04 5.29 -7.29
CA LYS B 579 37.47 6.60 -6.83
C LYS B 579 37.76 6.58 -5.33
N PHE B 580 36.95 5.89 -4.57
CA PHE B 580 37.11 5.92 -3.12
C PHE B 580 37.55 4.56 -2.59
N ASN B 581 38.15 3.75 -3.45
CA ASN B 581 38.54 2.40 -3.07
C ASN B 581 37.46 1.68 -2.24
N ALA B 582 36.19 1.94 -2.56
CA ALA B 582 35.06 1.31 -1.89
C ALA B 582 34.66 -0.03 -2.53
N HIS B 583 33.75 -0.75 -1.87
CA HIS B 583 33.15 -1.98 -2.40
C HIS B 583 31.63 -1.96 -2.28
N LEU B 584 31.01 -0.84 -2.66
CA LEU B 584 29.58 -0.79 -2.71
C LEU B 584 29.07 -1.86 -3.68
N ASP B 585 27.99 -2.53 -3.29
CA ASP B 585 27.28 -3.49 -4.13
C ASP B 585 26.61 -2.79 -5.34
N ALA B 586 26.90 -3.29 -6.54
CA ALA B 586 26.38 -2.74 -7.80
C ALA B 586 25.14 -3.47 -8.37
N THR B 587 24.61 -4.43 -7.62
CA THR B 587 23.50 -5.23 -8.13
C THR B 587 22.23 -4.38 -8.15
N THR B 588 21.41 -4.62 -9.16
CA THR B 588 20.29 -3.75 -9.49
C THR B 588 18.92 -4.29 -9.09
N ASP B 589 18.82 -5.60 -8.90
CA ASP B 589 17.59 -6.20 -8.38
C ASP B 589 17.80 -6.65 -6.92
N TYR B 590 16.93 -6.17 -6.01
CA TYR B 590 16.97 -6.60 -4.62
C TYR B 590 16.69 -8.09 -4.54
N MET B 591 17.51 -8.79 -3.75
CA MET B 591 17.38 -10.22 -3.57
C MET B 591 17.79 -10.61 -2.13
N PRO B 592 16.80 -10.98 -1.29
CA PRO B 592 17.05 -11.18 0.15
C PRO B 592 17.86 -12.43 0.46
N HIS B 593 17.77 -13.43 -0.41
CA HIS B 593 18.61 -14.63 -0.27
C HIS B 593 19.94 -14.31 -0.93
N LYS B 594 20.93 -15.19 -0.79
CA LYS B 594 22.28 -14.93 -1.28
C LYS B 594 22.85 -16.12 -2.05
N MET B 595 23.66 -15.82 -3.06
CA MET B 595 24.46 -16.83 -3.74
C MET B 595 25.80 -16.26 -4.21
N LEU B 605 25.07 -14.39 -12.41
CA LEU B 605 24.52 -15.55 -11.73
C LEU B 605 23.40 -15.11 -10.74
N PRO B 606 22.39 -14.34 -11.22
CA PRO B 606 21.36 -13.82 -10.29
C PRO B 606 20.28 -14.84 -9.87
N LEU B 607 20.01 -14.88 -8.56
CA LEU B 607 18.90 -15.65 -8.03
C LEU B 607 17.60 -14.90 -8.32
N GLN B 608 16.51 -15.66 -8.47
CA GLN B 608 15.17 -15.11 -8.52
C GLN B 608 14.27 -15.76 -7.50
N VAL B 609 13.17 -15.10 -7.22
CA VAL B 609 12.17 -15.60 -6.31
C VAL B 609 10.85 -15.63 -7.05
N LYS B 610 10.32 -16.82 -7.26
CA LYS B 610 9.02 -16.98 -7.88
C LYS B 610 8.11 -17.73 -6.93
N ALA B 611 7.02 -17.10 -6.54
CA ALA B 611 6.14 -17.69 -5.55
C ALA B 611 6.98 -18.27 -4.44
N ASN B 612 6.83 -19.55 -4.19
CA ASN B 612 7.56 -20.20 -3.12
C ASN B 612 8.80 -20.93 -3.63
N ARG B 613 9.29 -20.50 -4.77
CA ARG B 613 10.48 -21.12 -5.34
C ARG B 613 11.62 -20.14 -5.32
N VAL B 614 12.83 -20.66 -5.17
CA VAL B 614 14.04 -19.86 -5.24
C VAL B 614 14.92 -20.49 -6.31
N LEU B 615 15.31 -19.71 -7.31
CA LEU B 615 15.97 -20.29 -8.47
C LEU B 615 17.17 -19.49 -8.94
N ILE B 616 18.10 -20.18 -9.60
CA ILE B 616 19.26 -19.53 -10.19
C ILE B 616 18.97 -19.34 -11.67
N SER B 617 19.17 -18.12 -12.14
CA SER B 617 18.87 -17.80 -13.55
C SER B 617 19.42 -18.86 -14.53
N GLU B 632 26.78 -22.44 -3.81
CA GLU B 632 25.96 -22.41 -2.59
C GLU B 632 24.96 -21.26 -2.44
N ILE B 633 23.70 -21.62 -2.15
CA ILE B 633 22.61 -20.68 -1.86
C ILE B 633 22.35 -20.57 -0.36
N GLU B 634 22.16 -19.34 0.12
CA GLU B 634 21.79 -19.09 1.52
C GLU B 634 20.53 -18.23 1.62
N LEU B 635 19.46 -18.84 2.13
CA LEU B 635 18.19 -18.12 2.32
C LEU B 635 18.28 -17.18 3.52
N ASP B 636 17.35 -16.23 3.56
CA ASP B 636 17.33 -15.22 4.62
C ASP B 636 16.82 -15.77 5.97
N ALA B 637 16.19 -16.95 5.94
CA ALA B 637 15.65 -17.62 7.14
C ALA B 637 15.64 -19.16 6.98
N ILE B 638 15.30 -19.85 8.06
CA ILE B 638 15.06 -21.29 8.04
C ILE B 638 13.63 -21.51 7.56
N TYR B 639 13.47 -22.29 6.49
CA TYR B 639 12.15 -22.71 6.00
C TYR B 639 12.11 -24.23 5.89
N PRO B 640 10.90 -24.78 5.88
CA PRO B 640 10.73 -26.20 5.57
C PRO B 640 10.96 -26.39 4.09
N GLY B 641 11.92 -27.22 3.72
CA GLY B 641 12.18 -27.48 2.32
C GLY B 641 11.06 -28.30 1.71
N ASN B 643 11.29 -29.36 -2.20
CA ASN B 643 11.90 -30.16 -3.26
C ASN B 643 12.96 -29.41 -4.06
N ILE B 644 13.73 -30.15 -4.85
CA ILE B 644 14.78 -29.56 -5.66
C ILE B 644 14.81 -30.16 -7.05
N GLN B 645 14.95 -29.29 -8.05
CA GLN B 645 14.98 -29.71 -9.47
C GLN B 645 16.18 -29.07 -10.17
N GLY B 683 12.68 -34.99 -3.62
CA GLY B 683 11.75 -34.49 -2.60
C GLY B 683 12.40 -34.32 -1.23
N LEU B 684 11.99 -33.27 -0.51
CA LEU B 684 12.65 -32.85 0.74
C LEU B 684 11.90 -33.18 2.02
N LYS B 686 9.73 -31.74 3.90
CA LYS B 686 9.53 -30.68 4.90
C LYS B 686 10.73 -30.41 5.84
N ALA B 687 11.88 -31.02 5.55
CA ALA B 687 13.07 -30.88 6.41
C ALA B 687 13.48 -29.41 6.46
N PRO B 688 13.78 -28.88 7.67
CA PRO B 688 14.17 -27.48 7.77
C PRO B 688 15.40 -27.19 6.89
N VAL B 689 15.43 -26.04 6.22
CA VAL B 689 16.54 -25.67 5.32
C VAL B 689 16.87 -24.17 5.28
N LYS B 690 18.16 -23.84 5.40
CA LYS B 690 18.70 -22.48 5.20
C LYS B 690 19.88 -22.47 4.20
N PHE B 691 20.58 -23.58 4.04
CA PHE B 691 21.74 -23.66 3.13
C PHE B 691 21.57 -24.76 2.08
N VAL B 692 21.94 -24.46 0.82
CA VAL B 692 21.93 -25.47 -0.24
C VAL B 692 23.22 -25.41 -1.05
N PHE B 709 17.89 -25.36 -12.00
CA PHE B 709 18.20 -25.29 -10.56
C PHE B 709 17.17 -24.53 -9.69
N VAL B 710 16.06 -25.21 -9.37
CA VAL B 710 14.99 -24.63 -8.53
C VAL B 710 14.86 -25.32 -7.16
N LEU B 711 14.73 -24.50 -6.12
CA LEU B 711 14.40 -24.97 -4.80
C LEU B 711 13.01 -24.46 -4.40
N THR B 712 12.10 -25.38 -4.09
CA THR B 712 10.79 -25.01 -3.54
C THR B 712 10.78 -25.18 -2.01
N ILE B 713 10.15 -24.20 -1.35
CA ILE B 713 10.02 -24.14 0.12
C ILE B 713 8.53 -23.97 0.48
N GLU B 714 8.22 -23.90 1.77
CA GLU B 714 6.87 -23.59 2.20
C GLU B 714 6.80 -22.12 2.61
N LYS B 715 5.75 -21.43 2.15
CA LYS B 715 5.67 -19.97 2.27
C LYS B 715 4.29 -19.44 1.87
#